data_2R7A
#
_entry.id   2R7A
#
_cell.length_a   54.700
_cell.length_b   73.308
_cell.length_c   73.316
_cell.angle_alpha   70.25
_cell.angle_beta   79.02
_cell.angle_gamma   90.22
#
_symmetry.space_group_name_H-M   'P 1'
#
loop_
_entity.id
_entity.type
_entity.pdbx_description
1 polymer 'Bacterial heme binding protein'
2 non-polymer 'PROTOPORPHYRIN IX CONTAINING FE'
3 water water
#
_entity_poly.entity_id   1
_entity_poly.type   'polypeptide(L)'
_entity_poly.pdbx_seq_one_letter_code
;AAERIVVAGGSLTELIYAMGAGERVVGVDETTSYPPETAKLPHIGYWKQLSSEGILSLRPDSVITWQDAGPQIVLDQLRA
QKVNVVTLPRVPATLEQMYANIRQLAKTLQVPEQGDALVTQINQRLERVQQNVAAKKAPVKAMFILSAGGSAPQVAGKGS
VADAILSLAGAENVATHQQYKSYSAESLIAANPEVIVVTSQMVDGDINRLRSIAGITHTAAWKNQRIITVDQNLILGMGP
RIADVVESLHQQLWPQ
;
_entity_poly.pdbx_strand_id   A,B,C,D
#
# COMPACT_ATOMS: atom_id res chain seq x y z
N ALA A 2 24.54 -32.17 31.76
CA ALA A 2 23.96 -31.96 33.12
C ALA A 2 24.49 -30.67 33.74
N GLU A 3 25.71 -30.31 33.40
CA GLU A 3 26.34 -29.09 33.90
C GLU A 3 26.09 -27.96 32.91
N ARG A 4 26.31 -28.25 31.64
CA ARG A 4 26.09 -27.28 30.56
C ARG A 4 24.95 -27.81 29.70
N ILE A 5 23.83 -27.12 29.73
CA ILE A 5 22.66 -27.57 28.99
C ILE A 5 22.17 -26.64 27.90
N VAL A 6 21.81 -27.25 26.77
CA VAL A 6 21.25 -26.54 25.63
C VAL A 6 19.80 -27.02 25.54
N VAL A 7 18.87 -26.07 25.49
CA VAL A 7 17.45 -26.43 25.44
C VAL A 7 16.79 -25.99 24.14
N ALA A 8 16.11 -26.90 23.47
CA ALA A 8 15.42 -26.58 22.23
C ALA A 8 13.92 -26.80 22.44
N GLY A 9 13.21 -25.71 22.73
CA GLY A 9 11.79 -25.78 22.99
C GLY A 9 11.47 -24.72 24.03
N GLY A 10 10.87 -23.63 23.56
CA GLY A 10 10.53 -22.51 24.43
C GLY A 10 9.98 -22.81 25.81
N SER A 11 8.89 -23.55 25.86
CA SER A 11 8.25 -23.90 27.12
C SER A 11 9.13 -24.83 27.96
N LEU A 12 10.02 -25.58 27.31
CA LEU A 12 10.91 -26.47 28.04
C LEU A 12 11.93 -25.60 28.79
N THR A 13 12.43 -24.57 28.12
CA THR A 13 13.39 -23.65 28.72
C THR A 13 12.75 -22.97 29.94
N GLU A 14 11.48 -22.56 29.81
CA GLU A 14 10.79 -21.90 30.91
C GLU A 14 10.65 -22.84 32.12
N LEU A 15 10.30 -24.09 31.87
CA LEU A 15 10.15 -25.08 32.93
C LEU A 15 11.46 -25.30 33.68
N ILE A 16 12.56 -25.39 32.93
CA ILE A 16 13.86 -25.58 33.53
C ILE A 16 14.25 -24.42 34.46
N TYR A 17 13.95 -23.19 34.05
CA TYR A 17 14.26 -22.03 34.87
C TYR A 17 13.31 -21.96 36.07
N ALA A 18 12.06 -22.36 35.85
CA ALA A 18 11.06 -22.33 36.92
C ALA A 18 11.37 -23.37 37.99
N MET A 19 12.17 -24.38 37.66
CA MET A 19 12.53 -25.41 38.63
C MET A 19 13.88 -25.12 39.29
N GLY A 20 14.43 -23.94 39.02
CA GLY A 20 15.70 -23.55 39.60
C GLY A 20 16.98 -24.02 38.94
N ALA A 21 16.89 -24.60 37.74
CA ALA A 21 18.09 -25.08 37.05
C ALA A 21 18.52 -24.18 35.90
N GLY A 22 17.98 -22.96 35.87
CA GLY A 22 18.32 -22.02 34.82
C GLY A 22 19.80 -21.70 34.76
N GLU A 23 20.51 -22.06 35.82
CA GLU A 23 21.94 -21.81 35.91
C GLU A 23 22.75 -22.61 34.90
N ARG A 24 22.30 -23.84 34.63
CA ARG A 24 23.01 -24.75 33.73
C ARG A 24 22.76 -24.56 32.24
N VAL A 25 21.88 -23.64 31.88
CA VAL A 25 21.57 -23.41 30.48
C VAL A 25 22.58 -22.49 29.80
N VAL A 26 23.23 -23.02 28.75
CA VAL A 26 24.23 -22.28 28.00
C VAL A 26 23.74 -21.88 26.61
N GLY A 27 22.69 -22.53 26.14
CA GLY A 27 22.14 -22.24 24.83
C GLY A 27 20.67 -22.59 24.76
N VAL A 28 19.91 -21.84 23.97
CA VAL A 28 18.47 -22.10 23.82
C VAL A 28 18.09 -21.96 22.35
N ASP A 29 16.86 -22.34 22.01
CA ASP A 29 16.43 -22.25 20.63
C ASP A 29 15.71 -20.95 20.29
N GLU A 30 15.41 -20.81 19.01
CA GLU A 30 14.73 -19.64 18.45
C GLU A 30 13.35 -19.36 19.10
N THR A 31 12.65 -20.40 19.55
CA THR A 31 11.34 -20.21 20.16
C THR A 31 11.44 -19.78 21.62
N THR A 32 12.65 -19.71 22.14
CA THR A 32 12.83 -19.30 23.54
C THR A 32 12.91 -17.79 23.61
N SER A 33 12.04 -17.19 24.42
CA SER A 33 12.03 -15.76 24.59
C SER A 33 11.73 -15.38 26.04
N TYR A 34 11.74 -16.37 26.92
CA TYR A 34 11.47 -16.13 28.33
C TYR A 34 12.10 -17.27 29.11
N PRO A 35 12.59 -17.01 30.34
CA PRO A 35 12.58 -15.70 31.01
C PRO A 35 13.61 -14.73 30.40
N PRO A 36 13.66 -13.47 30.93
CA PRO A 36 14.59 -12.45 30.44
C PRO A 36 16.08 -12.82 30.37
N GLU A 37 16.55 -13.59 31.34
CA GLU A 37 17.95 -14.00 31.39
C GLU A 37 18.41 -14.77 30.16
N THR A 38 17.47 -15.37 29.43
CA THR A 38 17.84 -16.15 28.25
C THR A 38 18.17 -15.28 27.03
N ALA A 39 17.82 -14.00 27.09
CA ALA A 39 18.07 -13.11 25.98
C ALA A 39 19.55 -12.93 25.66
N LYS A 40 20.41 -13.07 26.67
CA LYS A 40 21.84 -12.90 26.44
C LYS A 40 22.52 -14.18 25.98
N LEU A 41 21.78 -15.27 25.93
CA LEU A 41 22.35 -16.56 25.53
C LEU A 41 22.33 -16.79 24.03
N PRO A 42 23.24 -17.63 23.53
CA PRO A 42 23.28 -17.92 22.09
C PRO A 42 22.02 -18.71 21.74
N HIS A 43 21.39 -18.36 20.64
CA HIS A 43 20.21 -19.09 20.21
C HIS A 43 20.56 -19.90 18.99
N ILE A 44 20.07 -21.14 18.95
CA ILE A 44 20.31 -22.00 17.82
C ILE A 44 19.04 -21.87 16.98
N GLY A 45 18.97 -22.62 15.89
CA GLY A 45 17.79 -22.53 15.05
C GLY A 45 16.51 -22.98 15.73
N TYR A 46 15.47 -23.07 14.92
CA TYR A 46 14.15 -23.52 15.36
C TYR A 46 14.36 -24.95 15.82
N TRP A 47 13.58 -25.44 16.79
CA TRP A 47 13.79 -26.81 17.24
C TRP A 47 13.63 -27.87 16.15
N LYS A 48 13.06 -27.49 15.01
CA LYS A 48 12.89 -28.40 13.89
C LYS A 48 13.99 -28.17 12.87
N GLN A 49 14.67 -27.02 12.98
CA GLN A 49 15.77 -26.67 12.08
C GLN A 49 17.02 -26.47 12.91
N LEU A 50 17.30 -27.43 13.80
CA LEU A 50 18.46 -27.37 14.69
C LEU A 50 19.81 -27.37 13.96
N SER A 51 20.76 -26.63 14.52
CA SER A 51 22.11 -26.55 13.97
C SER A 51 23.10 -27.27 14.88
N SER A 52 23.62 -28.40 14.43
CA SER A 52 24.57 -29.16 15.24
C SER A 52 25.80 -28.31 15.58
N GLU A 53 26.24 -27.50 14.64
CA GLU A 53 27.40 -26.63 14.86
C GLU A 53 27.05 -25.58 15.91
N GLY A 54 25.88 -24.97 15.78
CA GLY A 54 25.47 -23.97 16.73
C GLY A 54 25.46 -24.57 18.13
N ILE A 55 24.91 -25.77 18.23
CA ILE A 55 24.82 -26.48 19.50
C ILE A 55 26.17 -26.98 20.01
N LEU A 56 26.89 -27.72 19.18
CA LEU A 56 28.19 -28.26 19.58
C LEU A 56 29.22 -27.22 19.99
N SER A 57 29.19 -26.05 19.34
CA SER A 57 30.16 -25.02 19.66
C SER A 57 30.02 -24.56 21.12
N LEU A 58 28.86 -24.84 21.72
CA LEU A 58 28.62 -24.45 23.10
C LEU A 58 29.09 -25.49 24.10
N ARG A 59 29.69 -26.56 23.60
CA ARG A 59 30.22 -27.64 24.44
C ARG A 59 29.20 -28.06 25.49
N PRO A 60 28.03 -28.54 25.06
CA PRO A 60 27.02 -28.96 26.02
C PRO A 60 27.20 -30.38 26.53
N ASP A 61 26.78 -30.63 27.77
CA ASP A 61 26.86 -31.97 28.37
C ASP A 61 25.58 -32.68 27.92
N SER A 62 24.50 -31.92 27.81
CA SER A 62 23.23 -32.49 27.40
C SER A 62 22.36 -31.52 26.59
N VAL A 63 21.51 -32.11 25.77
CA VAL A 63 20.59 -31.35 24.95
C VAL A 63 19.19 -31.85 25.36
N ILE A 64 18.28 -30.91 25.60
CA ILE A 64 16.92 -31.24 26.00
C ILE A 64 15.96 -30.62 25.00
N THR A 65 15.15 -31.46 24.36
CA THR A 65 14.19 -30.97 23.37
C THR A 65 13.04 -31.95 23.15
N TRP A 66 12.18 -31.62 22.19
CA TRP A 66 11.00 -32.41 21.85
C TRP A 66 11.34 -33.62 20.99
N GLN A 67 10.49 -34.64 21.04
CA GLN A 67 10.72 -35.83 20.24
C GLN A 67 10.51 -35.51 18.76
N ASP A 68 9.72 -34.50 18.46
CA ASP A 68 9.47 -34.13 17.07
C ASP A 68 10.45 -33.05 16.59
N ALA A 69 11.56 -32.90 17.33
CA ALA A 69 12.57 -31.92 16.98
C ALA A 69 13.54 -32.54 15.99
N GLY A 70 14.10 -31.72 15.10
CA GLY A 70 15.04 -32.23 14.12
C GLY A 70 15.90 -31.17 13.45
N PRO A 71 16.56 -31.51 12.33
CA PRO A 71 16.56 -32.83 11.67
C PRO A 71 17.11 -33.97 12.51
N GLN A 72 16.71 -35.19 12.18
CA GLN A 72 17.13 -36.40 12.87
C GLN A 72 18.64 -36.60 12.84
N ILE A 73 19.25 -36.38 11.68
CA ILE A 73 20.69 -36.55 11.53
C ILE A 73 21.46 -35.69 12.53
N VAL A 74 20.92 -34.51 12.85
CA VAL A 74 21.57 -33.62 13.81
C VAL A 74 21.60 -34.26 15.19
N LEU A 75 20.48 -34.86 15.59
CA LEU A 75 20.42 -35.51 16.89
C LEU A 75 21.42 -36.67 16.91
N ASP A 76 21.58 -37.35 15.78
CA ASP A 76 22.54 -38.45 15.68
C ASP A 76 23.94 -37.86 15.85
N GLN A 77 24.16 -36.70 15.23
CA GLN A 77 25.44 -36.01 15.31
C GLN A 77 25.77 -35.60 16.76
N LEU A 78 24.74 -35.20 17.51
CA LEU A 78 24.95 -34.80 18.90
C LEU A 78 25.34 -36.03 19.75
N ARG A 79 24.62 -37.13 19.56
CA ARG A 79 24.90 -38.36 20.31
C ARG A 79 26.30 -38.87 19.94
N ALA A 80 26.65 -38.76 18.66
CA ALA A 80 27.96 -39.21 18.20
C ALA A 80 29.08 -38.49 18.95
N GLN A 81 28.88 -37.23 19.27
CA GLN A 81 29.87 -36.46 20.01
C GLN A 81 29.73 -36.74 21.49
N LYS A 82 28.97 -37.78 21.82
CA LYS A 82 28.74 -38.18 23.19
C LYS A 82 27.96 -37.17 24.00
N VAL A 83 27.03 -36.48 23.35
CA VAL A 83 26.19 -35.51 24.03
C VAL A 83 24.92 -36.24 24.43
N ASN A 84 24.50 -36.11 25.68
CA ASN A 84 23.28 -36.75 26.13
C ASN A 84 22.10 -35.96 25.57
N VAL A 85 21.27 -36.63 24.77
CA VAL A 85 20.10 -36.00 24.18
C VAL A 85 18.82 -36.53 24.83
N VAL A 86 18.12 -35.64 25.53
CA VAL A 86 16.88 -35.97 26.23
C VAL A 86 15.71 -35.42 25.41
N THR A 87 14.79 -36.29 25.00
CA THR A 87 13.64 -35.85 24.21
C THR A 87 12.33 -36.16 24.94
N LEU A 88 11.39 -35.23 24.89
CA LEU A 88 10.11 -35.41 25.55
C LEU A 88 8.95 -35.34 24.57
N PRO A 89 7.87 -36.09 24.84
CA PRO A 89 6.68 -36.09 23.97
C PRO A 89 6.02 -34.72 24.04
N ARG A 90 5.76 -34.12 22.88
CA ARG A 90 5.14 -32.80 22.84
C ARG A 90 3.65 -32.83 22.56
N VAL A 91 3.25 -33.67 21.59
CA VAL A 91 1.84 -33.76 21.24
C VAL A 91 1.37 -35.21 21.21
N PRO A 92 0.05 -35.42 21.37
CA PRO A 92 -0.90 -34.33 21.56
C PRO A 92 -0.72 -33.65 22.93
N ALA A 93 -1.00 -32.36 22.97
CA ALA A 93 -0.84 -31.57 24.20
C ALA A 93 -1.97 -31.77 25.22
N THR A 94 -1.62 -32.35 26.37
CA THR A 94 -2.59 -32.55 27.43
C THR A 94 -1.89 -32.20 28.75
N LEU A 95 -2.67 -31.96 29.79
CA LEU A 95 -2.09 -31.63 31.09
C LEU A 95 -1.36 -32.83 31.65
N GLU A 96 -1.85 -34.03 31.36
CA GLU A 96 -1.21 -35.23 31.85
C GLU A 96 0.22 -35.33 31.32
N GLN A 97 0.38 -35.09 30.02
CA GLN A 97 1.70 -35.15 29.39
C GLN A 97 2.61 -34.05 29.90
N MET A 98 2.04 -32.89 30.20
CA MET A 98 2.82 -31.77 30.71
C MET A 98 3.39 -32.12 32.08
N TYR A 99 2.56 -32.72 32.93
CA TYR A 99 3.00 -33.10 34.28
C TYR A 99 4.06 -34.20 34.20
N ALA A 100 3.93 -35.11 33.24
CA ALA A 100 4.91 -36.18 33.11
C ALA A 100 6.24 -35.59 32.66
N ASN A 101 6.16 -34.62 31.74
CA ASN A 101 7.36 -33.95 31.24
C ASN A 101 8.03 -33.16 32.35
N ILE A 102 7.24 -32.44 33.16
CA ILE A 102 7.83 -31.69 34.25
C ILE A 102 8.58 -32.65 35.18
N ARG A 103 7.98 -33.80 35.45
CA ARG A 103 8.64 -34.76 36.34
C ARG A 103 9.87 -35.42 35.72
N GLN A 104 9.83 -35.68 34.41
CA GLN A 104 10.98 -36.28 33.75
C GLN A 104 12.14 -35.27 33.81
N LEU A 105 11.85 -34.03 33.45
CA LEU A 105 12.86 -32.95 33.48
C LEU A 105 13.46 -32.81 34.87
N ALA A 106 12.61 -32.75 35.88
CA ALA A 106 13.08 -32.61 37.26
C ALA A 106 13.94 -33.81 37.63
N LYS A 107 13.64 -34.96 37.05
CA LYS A 107 14.41 -36.16 37.33
C LYS A 107 15.78 -36.02 36.69
N THR A 108 15.80 -35.59 35.43
CA THR A 108 17.04 -35.39 34.70
C THR A 108 17.90 -34.30 35.32
N LEU A 109 17.25 -33.25 35.83
CA LEU A 109 17.97 -32.14 36.43
C LEU A 109 18.23 -32.32 37.92
N GLN A 110 17.88 -33.49 38.45
CA GLN A 110 18.08 -33.79 39.85
C GLN A 110 17.43 -32.76 40.78
N VAL A 111 16.21 -32.35 40.47
CA VAL A 111 15.47 -31.41 41.30
C VAL A 111 14.02 -31.89 41.41
N PRO A 112 13.82 -33.15 41.83
CA PRO A 112 12.49 -33.74 41.98
C PRO A 112 11.48 -32.96 42.82
N GLU A 113 11.93 -32.41 43.95
CA GLU A 113 11.02 -31.67 44.80
C GLU A 113 10.49 -30.43 44.09
N GLN A 114 11.34 -29.76 43.31
CA GLN A 114 10.90 -28.58 42.59
C GLN A 114 9.88 -28.94 41.51
N GLY A 115 10.05 -30.10 40.90
CA GLY A 115 9.11 -30.53 39.87
C GLY A 115 7.74 -30.77 40.48
N ASP A 116 7.68 -31.53 41.58
CA ASP A 116 6.39 -31.80 42.20
C ASP A 116 5.69 -30.54 42.66
N ALA A 117 6.45 -29.57 43.15
CA ALA A 117 5.86 -28.32 43.61
C ALA A 117 5.32 -27.52 42.43
N LEU A 118 5.98 -27.63 41.28
CA LEU A 118 5.50 -26.91 40.11
C LEU A 118 4.17 -27.52 39.65
N VAL A 119 4.10 -28.84 39.58
CA VAL A 119 2.87 -29.50 39.15
C VAL A 119 1.72 -29.13 40.08
N THR A 120 1.98 -29.15 41.37
CA THR A 120 0.96 -28.82 42.36
C THR A 120 0.43 -27.41 42.21
N GLN A 121 1.34 -26.45 42.06
CA GLN A 121 0.98 -25.04 41.93
C GLN A 121 0.13 -24.81 40.68
N ILE A 122 0.57 -25.40 39.57
CA ILE A 122 -0.17 -25.27 38.32
C ILE A 122 -1.56 -25.90 38.40
N ASN A 123 -1.63 -27.13 38.87
CA ASN A 123 -2.92 -27.82 38.95
C ASN A 123 -3.91 -27.07 39.85
N GLN A 124 -3.43 -26.51 40.95
CA GLN A 124 -4.32 -25.78 41.85
C GLN A 124 -5.01 -24.63 41.12
N ARG A 125 -4.22 -23.85 40.39
CA ARG A 125 -4.71 -22.71 39.63
C ARG A 125 -5.69 -23.13 38.53
N LEU A 126 -5.33 -24.18 37.79
CA LEU A 126 -6.18 -24.66 36.70
C LEU A 126 -7.52 -25.23 37.19
N GLU A 127 -7.51 -25.98 38.30
CA GLU A 127 -8.74 -26.53 38.85
C GLU A 127 -9.69 -25.41 39.28
N ARG A 128 -9.13 -24.33 39.83
CA ARG A 128 -9.93 -23.20 40.26
C ARG A 128 -10.60 -22.56 39.05
N VAL A 129 -9.95 -22.63 37.89
CA VAL A 129 -10.55 -22.08 36.68
C VAL A 129 -11.71 -22.98 36.26
N GLN A 130 -11.53 -24.30 36.38
CA GLN A 130 -12.58 -25.24 36.02
C GLN A 130 -13.80 -25.06 36.91
N GLN A 131 -13.56 -24.77 38.19
CA GLN A 131 -14.63 -24.54 39.14
C GLN A 131 -15.41 -23.31 38.68
N ASN A 132 -14.70 -22.22 38.41
CA ASN A 132 -15.32 -20.98 37.96
C ASN A 132 -16.03 -21.20 36.62
N VAL A 133 -15.40 -21.99 35.75
CA VAL A 133 -15.98 -22.30 34.43
C VAL A 133 -17.35 -22.98 34.60
N ALA A 134 -17.42 -23.95 35.51
CA ALA A 134 -18.67 -24.67 35.75
C ALA A 134 -19.76 -23.76 36.30
N ALA A 135 -19.40 -22.51 36.58
CA ALA A 135 -20.34 -21.53 37.12
C ALA A 135 -20.84 -20.58 36.04
N LYS A 136 -20.45 -20.86 34.79
CA LYS A 136 -20.86 -20.04 33.67
C LYS A 136 -22.20 -20.57 33.14
N LYS A 137 -23.12 -19.66 32.82
CA LYS A 137 -24.44 -20.04 32.33
C LYS A 137 -24.50 -20.45 30.86
N ALA A 138 -23.57 -19.93 30.05
CA ALA A 138 -23.57 -20.24 28.63
C ALA A 138 -22.19 -20.63 28.09
N PRO A 139 -22.13 -21.66 27.22
CA PRO A 139 -20.88 -22.14 26.62
C PRO A 139 -20.38 -21.16 25.56
N VAL A 140 -19.10 -21.26 25.22
CA VAL A 140 -18.53 -20.35 24.23
C VAL A 140 -17.81 -21.07 23.10
N LYS A 141 -18.28 -20.87 21.87
CA LYS A 141 -17.67 -21.49 20.69
C LYS A 141 -16.55 -20.57 20.19
N ALA A 142 -15.32 -21.03 20.33
CA ALA A 142 -14.18 -20.23 19.90
C ALA A 142 -13.33 -20.92 18.85
N MET A 143 -12.33 -20.19 18.38
CA MET A 143 -11.39 -20.68 17.39
C MET A 143 -10.10 -19.91 17.57
N PHE A 144 -8.96 -20.55 17.31
CA PHE A 144 -7.68 -19.89 17.40
C PHE A 144 -7.00 -19.93 16.03
N ILE A 145 -6.58 -18.77 15.54
CA ILE A 145 -5.92 -18.67 14.24
C ILE A 145 -4.50 -18.18 14.44
N LEU A 146 -3.55 -18.88 13.82
CA LEU A 146 -2.12 -18.57 13.94
C LEU A 146 -1.39 -18.38 12.61
N SER A 147 -0.49 -17.41 12.57
CA SER A 147 0.34 -17.14 11.41
C SER A 147 1.78 -17.24 11.89
N ALA A 148 2.15 -18.42 12.37
CA ALA A 148 3.49 -18.63 12.91
C ALA A 148 4.59 -18.65 11.85
N GLY A 149 5.48 -17.66 11.94
CA GLY A 149 6.59 -17.57 11.00
C GLY A 149 6.21 -16.99 9.65
N GLY A 150 6.52 -17.74 8.60
CA GLY A 150 6.21 -17.28 7.26
C GLY A 150 5.08 -18.05 6.60
N SER A 151 4.26 -18.71 7.41
CA SER A 151 3.15 -19.50 6.91
C SER A 151 1.87 -18.69 6.74
N ALA A 152 0.93 -19.27 6.01
CA ALA A 152 -0.37 -18.65 5.78
C ALA A 152 -1.14 -18.87 7.08
N PRO A 153 -2.24 -18.13 7.28
CA PRO A 153 -3.02 -18.28 8.51
C PRO A 153 -3.63 -19.68 8.63
N GLN A 154 -3.46 -20.32 9.78
CA GLN A 154 -4.01 -21.66 9.99
C GLN A 154 -4.81 -21.76 11.29
N VAL A 155 -5.80 -22.65 11.29
CA VAL A 155 -6.65 -22.83 12.45
C VAL A 155 -6.14 -23.98 13.34
N ALA A 156 -6.07 -23.74 14.65
CA ALA A 156 -5.62 -24.76 15.58
C ALA A 156 -6.70 -25.81 15.79
N GLY A 157 -6.34 -27.08 15.57
CA GLY A 157 -7.30 -28.15 15.76
C GLY A 157 -6.95 -29.07 16.92
N LYS A 158 -7.43 -30.29 16.86
CA LYS A 158 -7.18 -31.28 17.90
C LYS A 158 -5.69 -31.63 18.06
N GLY A 159 -5.27 -31.78 19.31
CA GLY A 159 -3.89 -32.12 19.57
C GLY A 159 -2.93 -30.94 19.70
N SER A 160 -3.37 -29.74 19.31
CA SER A 160 -2.49 -28.58 19.40
C SER A 160 -2.48 -28.00 20.82
N VAL A 161 -1.44 -27.25 21.15
CA VAL A 161 -1.37 -26.62 22.47
C VAL A 161 -2.48 -25.58 22.56
N ALA A 162 -2.67 -24.83 21.48
CA ALA A 162 -3.71 -23.81 21.44
C ALA A 162 -5.05 -24.39 21.85
N ASP A 163 -5.39 -25.54 21.26
CA ASP A 163 -6.65 -26.21 21.57
C ASP A 163 -6.73 -26.62 23.04
N ALA A 164 -5.64 -27.16 23.57
CA ALA A 164 -5.61 -27.58 24.97
C ALA A 164 -5.89 -26.37 25.88
N ILE A 165 -5.23 -25.26 25.57
CA ILE A 165 -5.39 -24.05 26.37
C ILE A 165 -6.80 -23.46 26.23
N LEU A 166 -7.35 -23.43 25.02
CA LEU A 166 -8.71 -22.92 24.84
C LEU A 166 -9.68 -23.73 25.68
N SER A 167 -9.50 -25.05 25.69
CA SER A 167 -10.37 -25.94 26.47
C SER A 167 -10.23 -25.70 27.97
N LEU A 168 -9.00 -25.61 28.44
CA LEU A 168 -8.76 -25.38 29.86
C LEU A 168 -9.45 -24.08 30.28
N ALA A 169 -9.52 -23.12 29.35
CA ALA A 169 -10.15 -21.84 29.61
C ALA A 169 -11.68 -21.93 29.64
N GLY A 170 -12.22 -23.06 29.20
CA GLY A 170 -13.65 -23.25 29.22
C GLY A 170 -14.38 -23.16 27.88
N ALA A 171 -13.68 -22.72 26.84
CA ALA A 171 -14.32 -22.60 25.54
C ALA A 171 -14.32 -23.91 24.76
N GLU A 172 -15.25 -24.00 23.82
CA GLU A 172 -15.36 -25.18 22.96
C GLU A 172 -14.67 -24.82 21.65
N ASN A 173 -13.75 -25.64 21.21
CA ASN A 173 -13.07 -25.37 19.94
C ASN A 173 -14.01 -25.86 18.83
N VAL A 174 -14.39 -24.97 17.91
CA VAL A 174 -15.28 -25.36 16.81
C VAL A 174 -14.54 -26.13 15.72
N ALA A 175 -13.22 -26.09 15.73
CA ALA A 175 -12.42 -26.79 14.73
C ALA A 175 -12.19 -28.23 15.20
N THR A 176 -12.47 -29.21 14.33
CA THR A 176 -12.32 -30.62 14.69
C THR A 176 -11.23 -31.38 13.94
N HIS A 177 -10.57 -30.72 13.00
CA HIS A 177 -9.49 -31.35 12.24
C HIS A 177 -8.29 -31.56 13.16
N GLN A 178 -7.26 -32.22 12.64
CA GLN A 178 -6.05 -32.48 13.43
C GLN A 178 -5.00 -31.39 13.32
N GLN A 179 -4.46 -30.97 14.47
CA GLN A 179 -3.43 -29.94 14.52
C GLN A 179 -3.75 -28.67 13.74
N TYR A 180 -2.87 -28.20 12.85
CA TYR A 180 -3.10 -26.96 12.10
C TYR A 180 -3.38 -27.10 10.62
N LYS A 181 -4.36 -26.34 10.14
CA LYS A 181 -4.73 -26.35 8.72
C LYS A 181 -5.27 -24.99 8.24
N SER A 182 -5.02 -24.69 6.98
CA SER A 182 -5.50 -23.45 6.38
C SER A 182 -6.98 -23.59 6.00
N TYR A 183 -7.80 -22.63 6.43
CA TYR A 183 -9.23 -22.65 6.13
C TYR A 183 -9.58 -21.68 5.01
N SER A 184 -10.41 -22.13 4.07
CA SER A 184 -10.85 -21.24 3.00
C SER A 184 -11.88 -20.37 3.72
N ALA A 185 -12.35 -19.32 3.06
CA ALA A 185 -13.33 -18.42 3.67
C ALA A 185 -14.63 -19.15 4.03
N GLU A 186 -15.06 -20.05 3.14
CA GLU A 186 -16.29 -20.83 3.35
C GLU A 186 -16.16 -21.75 4.57
N SER A 187 -15.02 -22.40 4.71
CA SER A 187 -14.79 -23.29 5.83
C SER A 187 -14.85 -22.50 7.16
N LEU A 188 -14.28 -21.30 7.16
CA LEU A 188 -14.28 -20.47 8.37
C LEU A 188 -15.70 -20.01 8.66
N ILE A 189 -16.46 -19.74 7.60
CA ILE A 189 -17.84 -19.33 7.76
C ILE A 189 -18.67 -20.51 8.24
N ALA A 190 -18.32 -21.70 7.78
CA ALA A 190 -19.06 -22.90 8.20
C ALA A 190 -18.76 -23.20 9.67
N ALA A 191 -17.50 -22.99 10.07
CA ALA A 191 -17.11 -23.23 11.44
C ALA A 191 -17.99 -22.37 12.36
N ASN A 192 -18.28 -21.16 11.90
CA ASN A 192 -19.15 -20.24 12.63
C ASN A 192 -18.73 -19.96 14.08
N PRO A 193 -17.46 -19.58 14.31
CA PRO A 193 -17.08 -19.31 15.70
C PRO A 193 -17.73 -18.03 16.25
N GLU A 194 -18.10 -18.05 17.53
CA GLU A 194 -18.70 -16.88 18.17
C GLU A 194 -17.58 -15.94 18.57
N VAL A 195 -16.45 -16.53 18.96
CA VAL A 195 -15.28 -15.77 19.38
C VAL A 195 -14.06 -16.30 18.66
N ILE A 196 -13.17 -15.39 18.28
CA ILE A 196 -11.95 -15.78 17.60
C ILE A 196 -10.73 -15.27 18.35
N VAL A 197 -9.76 -16.15 18.55
CA VAL A 197 -8.53 -15.77 19.24
C VAL A 197 -7.39 -15.76 18.23
N VAL A 198 -6.53 -14.75 18.33
CA VAL A 198 -5.36 -14.61 17.46
C VAL A 198 -4.23 -14.10 18.32
N THR A 199 -3.02 -14.03 17.76
CA THR A 199 -1.87 -13.56 18.52
C THR A 199 -1.77 -12.05 18.47
N SER A 200 -1.15 -11.48 19.49
CA SER A 200 -0.97 -10.03 19.54
C SER A 200 -0.08 -9.59 18.40
N GLN A 201 0.83 -10.47 17.97
CA GLN A 201 1.73 -10.18 16.86
C GLN A 201 0.95 -9.94 15.56
N MET A 202 -0.13 -10.68 15.37
CA MET A 202 -0.96 -10.54 14.19
C MET A 202 -1.66 -9.19 14.18
N VAL A 203 -2.22 -8.80 15.32
CA VAL A 203 -2.94 -7.54 15.46
C VAL A 203 -2.02 -6.33 15.53
N ASP A 204 -0.91 -6.47 16.24
CA ASP A 204 0.07 -5.40 16.41
C ASP A 204 -0.53 -3.99 16.35
N GLY A 205 -1.52 -3.75 17.21
CA GLY A 205 -2.14 -2.44 17.27
C GLY A 205 -3.20 -2.05 16.25
N ASP A 206 -3.56 -2.96 15.34
CA ASP A 206 -4.56 -2.65 14.34
C ASP A 206 -5.30 -3.90 13.86
N ILE A 207 -6.48 -4.12 14.40
CA ILE A 207 -7.31 -5.28 14.05
C ILE A 207 -7.62 -5.34 12.55
N ASN A 208 -7.40 -4.24 11.86
CA ASN A 208 -7.68 -4.22 10.43
C ASN A 208 -6.67 -5.06 9.65
N ARG A 209 -5.53 -5.33 10.27
CA ARG A 209 -4.49 -6.15 9.65
C ARG A 209 -5.01 -7.58 9.47
N LEU A 210 -6.07 -7.93 10.19
CA LEU A 210 -6.64 -9.26 10.12
C LEU A 210 -7.50 -9.47 8.88
N ARG A 211 -7.78 -8.41 8.14
CA ARG A 211 -8.61 -8.52 6.94
C ARG A 211 -8.06 -9.41 5.83
N SER A 212 -6.78 -9.76 5.89
CA SER A 212 -6.19 -10.64 4.87
C SER A 212 -6.44 -12.11 5.18
N ILE A 213 -7.09 -12.37 6.31
CA ILE A 213 -7.40 -13.74 6.69
C ILE A 213 -8.74 -14.07 6.03
N ALA A 214 -8.71 -15.08 5.17
CA ALA A 214 -9.91 -15.49 4.43
C ALA A 214 -11.14 -15.78 5.29
N GLY A 215 -12.23 -15.07 4.97
CA GLY A 215 -13.50 -15.25 5.65
C GLY A 215 -13.70 -14.63 7.02
N ILE A 216 -12.62 -14.14 7.63
CA ILE A 216 -12.76 -13.60 8.97
C ILE A 216 -13.80 -12.49 9.11
N THR A 217 -13.85 -11.55 8.18
CA THR A 217 -14.82 -10.46 8.32
C THR A 217 -16.28 -10.88 8.18
N HIS A 218 -16.53 -12.09 7.66
CA HIS A 218 -17.90 -12.59 7.51
C HIS A 218 -18.32 -13.38 8.75
N THR A 219 -17.42 -13.48 9.72
CA THR A 219 -17.68 -14.22 10.94
C THR A 219 -18.50 -13.43 11.95
N ALA A 220 -19.26 -14.14 12.78
CA ALA A 220 -20.07 -13.51 13.82
C ALA A 220 -19.11 -12.88 14.83
N ALA A 221 -17.97 -13.53 15.03
CA ALA A 221 -16.96 -13.04 15.96
C ALA A 221 -16.54 -11.64 15.54
N TRP A 222 -16.30 -11.48 14.26
CA TRP A 222 -15.87 -10.21 13.71
C TRP A 222 -16.97 -9.16 13.84
N LYS A 223 -18.14 -9.49 13.32
CA LYS A 223 -19.28 -8.57 13.36
C LYS A 223 -19.62 -8.14 14.79
N ASN A 224 -19.60 -9.08 15.72
CA ASN A 224 -19.92 -8.76 17.10
C ASN A 224 -18.71 -8.28 17.87
N GLN A 225 -17.60 -8.12 17.17
CA GLN A 225 -16.36 -7.65 17.77
C GLN A 225 -15.87 -8.50 18.95
N ARG A 226 -15.88 -9.81 18.76
CA ARG A 226 -15.42 -10.73 19.79
C ARG A 226 -14.11 -11.38 19.34
N ILE A 227 -13.07 -10.55 19.19
CA ILE A 227 -11.77 -11.04 18.78
C ILE A 227 -10.77 -10.77 19.90
N ILE A 228 -10.19 -11.84 20.42
CA ILE A 228 -9.23 -11.79 21.52
C ILE A 228 -7.81 -11.96 21.02
N THR A 229 -6.87 -11.30 21.69
CA THR A 229 -5.48 -11.37 21.31
C THR A 229 -4.62 -11.95 22.44
N VAL A 230 -3.64 -12.77 22.08
CA VAL A 230 -2.77 -13.39 23.07
C VAL A 230 -1.36 -13.50 22.53
N ASP A 231 -0.37 -13.34 23.40
CA ASP A 231 1.03 -13.44 23.02
C ASP A 231 1.28 -14.86 22.50
N GLN A 232 1.88 -14.96 21.31
CA GLN A 232 2.12 -16.27 20.70
C GLN A 232 2.97 -17.23 21.53
N ASN A 233 3.91 -16.71 22.30
CA ASN A 233 4.77 -17.56 23.12
C ASN A 233 3.98 -18.23 24.22
N LEU A 234 2.85 -17.63 24.58
CA LEU A 234 2.01 -18.17 25.63
C LEU A 234 0.97 -19.18 25.14
N ILE A 235 0.73 -19.21 23.84
CA ILE A 235 -0.27 -20.11 23.30
C ILE A 235 0.27 -21.28 22.48
N LEU A 236 1.58 -21.31 22.26
CA LEU A 236 2.17 -22.38 21.47
C LEU A 236 2.92 -23.46 22.25
N GLY A 237 3.07 -23.23 23.56
CA GLY A 237 3.76 -24.18 24.41
C GLY A 237 3.08 -24.24 25.78
N MET A 238 3.26 -25.34 26.49
CA MET A 238 2.68 -25.50 27.82
C MET A 238 3.79 -25.34 28.85
N GLY A 239 3.94 -24.12 29.35
CA GLY A 239 4.99 -23.83 30.31
C GLY A 239 4.46 -23.41 31.67
N PRO A 240 5.34 -22.96 32.57
CA PRO A 240 4.96 -22.52 33.92
C PRO A 240 3.99 -21.33 33.95
N ARG A 241 3.80 -20.67 32.82
CA ARG A 241 2.88 -19.54 32.75
C ARG A 241 1.52 -19.95 32.19
N ILE A 242 1.30 -21.26 32.07
CA ILE A 242 0.03 -21.76 31.51
C ILE A 242 -1.22 -21.31 32.27
N ALA A 243 -1.16 -21.28 33.60
CA ALA A 243 -2.33 -20.85 34.38
C ALA A 243 -2.65 -19.38 34.13
N ASP A 244 -1.60 -18.57 33.99
CA ASP A 244 -1.78 -17.13 33.75
C ASP A 244 -2.50 -16.89 32.43
N VAL A 245 -2.10 -17.63 31.40
CA VAL A 245 -2.72 -17.49 30.09
C VAL A 245 -4.14 -18.01 30.11
N VAL A 246 -4.37 -19.12 30.80
CA VAL A 246 -5.70 -19.70 30.87
C VAL A 246 -6.66 -18.77 31.63
N GLU A 247 -6.16 -18.17 32.71
CA GLU A 247 -6.97 -17.25 33.52
C GLU A 247 -7.29 -16.00 32.70
N SER A 248 -6.30 -15.51 31.98
CA SER A 248 -6.46 -14.32 31.13
C SER A 248 -7.52 -14.59 30.05
N LEU A 249 -7.36 -15.68 29.32
CA LEU A 249 -8.31 -16.04 28.26
C LEU A 249 -9.71 -16.22 28.83
N HIS A 250 -9.81 -16.93 29.96
CA HIS A 250 -11.08 -17.18 30.59
C HIS A 250 -11.81 -15.86 30.90
N GLN A 251 -11.03 -14.87 31.34
CA GLN A 251 -11.51 -13.53 31.68
C GLN A 251 -12.08 -12.81 30.47
N GLN A 252 -11.42 -12.96 29.33
CA GLN A 252 -11.88 -12.30 28.11
C GLN A 252 -13.06 -13.02 27.50
N LEU A 253 -13.20 -14.31 27.78
CA LEU A 253 -14.32 -15.09 27.26
C LEU A 253 -15.61 -14.72 28.02
N TRP A 254 -15.47 -14.46 29.33
CA TRP A 254 -16.59 -14.07 30.19
C TRP A 254 -16.13 -12.86 30.99
N PRO A 255 -16.03 -11.69 30.34
CA PRO A 255 -15.60 -10.42 30.92
C PRO A 255 -16.37 -9.81 32.09
N GLN A 256 -15.79 -8.77 32.67
CA GLN A 256 -16.34 -8.04 33.81
C GLN A 256 -16.67 -8.93 34.99
N ALA B 1 -40.12 6.38 3.83
CA ALA B 1 -40.23 4.96 3.38
C ALA B 1 -39.82 4.83 1.92
N ALA B 2 -38.95 5.72 1.47
CA ALA B 2 -38.48 5.69 0.09
C ALA B 2 -37.27 4.79 -0.09
N GLU B 3 -37.08 4.32 -1.32
CA GLU B 3 -35.95 3.48 -1.66
C GLU B 3 -34.70 4.34 -1.51
N ARG B 4 -33.58 3.72 -1.14
CA ARG B 4 -32.33 4.45 -1.01
C ARG B 4 -31.42 4.06 -2.18
N ILE B 5 -31.08 5.04 -3.02
CA ILE B 5 -30.23 4.77 -4.18
C ILE B 5 -28.90 5.51 -4.17
N VAL B 6 -27.84 4.81 -4.58
CA VAL B 6 -26.51 5.40 -4.69
C VAL B 6 -26.21 5.32 -6.19
N VAL B 7 -25.89 6.46 -6.79
CA VAL B 7 -25.61 6.57 -8.23
C VAL B 7 -24.13 6.81 -8.49
N ALA B 8 -23.58 6.14 -9.50
CA ALA B 8 -22.17 6.35 -9.86
C ALA B 8 -22.12 6.68 -11.35
N GLY B 9 -21.83 7.95 -11.63
CA GLY B 9 -21.77 8.46 -12.99
C GLY B 9 -22.64 9.71 -13.06
N GLY B 10 -22.00 10.87 -13.18
CA GLY B 10 -22.72 12.15 -13.23
C GLY B 10 -23.92 12.26 -14.15
N SER B 11 -23.81 11.75 -15.38
CA SER B 11 -24.91 11.83 -16.33
C SER B 11 -26.12 11.02 -15.86
N LEU B 12 -25.86 9.89 -15.22
CA LEU B 12 -26.95 9.05 -14.72
C LEU B 12 -27.59 9.77 -13.54
N THR B 13 -26.78 10.49 -12.75
CA THR B 13 -27.33 11.21 -11.62
C THR B 13 -28.28 12.27 -12.18
N GLU B 14 -27.84 13.00 -13.20
CA GLU B 14 -28.67 14.04 -13.81
C GLU B 14 -29.97 13.44 -14.36
N LEU B 15 -29.89 12.27 -14.97
CA LEU B 15 -31.10 11.62 -15.51
C LEU B 15 -32.14 11.31 -14.43
N ILE B 16 -31.70 10.72 -13.33
CA ILE B 16 -32.59 10.37 -12.23
C ILE B 16 -33.34 11.58 -11.65
N TYR B 17 -32.61 12.68 -11.43
CA TYR B 17 -33.24 13.88 -10.89
C TYR B 17 -34.15 14.56 -11.91
N ALA B 18 -33.74 14.52 -13.17
CA ALA B 18 -34.52 15.13 -14.22
C ALA B 18 -35.86 14.43 -14.37
N MET B 19 -35.91 13.14 -14.06
CA MET B 19 -37.16 12.40 -14.18
C MET B 19 -37.99 12.28 -12.90
N GLY B 20 -37.67 13.08 -11.88
CA GLY B 20 -38.44 13.06 -10.66
C GLY B 20 -38.24 11.94 -9.64
N ALA B 21 -37.08 11.29 -9.64
CA ALA B 21 -36.83 10.22 -8.67
C ALA B 21 -35.65 10.59 -7.79
N GLY B 22 -35.28 11.87 -7.81
CA GLY B 22 -34.15 12.35 -7.02
C GLY B 22 -34.30 12.24 -5.52
N GLU B 23 -35.52 12.08 -5.03
CA GLU B 23 -35.74 11.97 -3.59
C GLU B 23 -35.22 10.64 -3.06
N ARG B 24 -34.97 9.70 -3.97
CA ARG B 24 -34.48 8.38 -3.58
C ARG B 24 -32.95 8.32 -3.45
N VAL B 25 -32.28 9.31 -4.02
CA VAL B 25 -30.81 9.39 -4.00
C VAL B 25 -30.19 9.78 -2.66
N VAL B 26 -29.35 8.89 -2.10
CA VAL B 26 -28.71 9.16 -0.83
C VAL B 26 -27.19 9.28 -0.92
N GLY B 27 -26.65 9.05 -2.12
CA GLY B 27 -25.22 9.14 -2.32
C GLY B 27 -24.88 9.12 -3.80
N VAL B 28 -23.84 9.83 -4.19
CA VAL B 28 -23.43 9.86 -5.58
C VAL B 28 -21.92 9.68 -5.64
N ASP B 29 -21.36 9.72 -6.84
CA ASP B 29 -19.91 9.56 -6.98
C ASP B 29 -19.26 10.90 -7.27
N GLU B 30 -17.94 10.91 -7.39
CA GLU B 30 -17.22 12.16 -7.63
C GLU B 30 -17.37 12.77 -9.03
N THR B 31 -17.92 12.02 -9.99
CA THR B 31 -18.12 12.59 -11.31
C THR B 31 -19.46 13.34 -11.31
N THR B 32 -20.18 13.25 -10.20
CA THR B 32 -21.47 13.93 -10.07
C THR B 32 -21.29 15.33 -9.52
N SER B 33 -21.78 16.33 -10.26
CA SER B 33 -21.67 17.73 -9.82
C SER B 33 -22.93 18.52 -10.18
N TYR B 34 -23.98 17.82 -10.60
CA TYR B 34 -25.23 18.47 -10.99
C TYR B 34 -26.35 17.46 -10.78
N PRO B 35 -27.55 17.91 -10.38
CA PRO B 35 -27.95 19.30 -10.11
C PRO B 35 -27.47 19.78 -8.73
N PRO B 36 -27.58 21.10 -8.48
CA PRO B 36 -27.16 21.73 -7.22
C PRO B 36 -27.46 20.97 -5.95
N GLU B 37 -28.69 20.48 -5.81
CA GLU B 37 -29.10 19.75 -4.61
C GLU B 37 -28.31 18.46 -4.30
N THR B 38 -27.40 18.06 -5.18
CA THR B 38 -26.61 16.85 -4.92
C THR B 38 -25.37 17.23 -4.11
N ALA B 39 -25.09 18.52 -4.03
CA ALA B 39 -23.93 18.98 -3.27
C ALA B 39 -24.01 18.54 -1.80
N LYS B 40 -25.21 18.55 -1.23
CA LYS B 40 -25.40 18.15 0.16
C LYS B 40 -25.18 16.66 0.40
N LEU B 41 -25.22 15.87 -0.67
CA LEU B 41 -25.04 14.42 -0.58
C LEU B 41 -23.58 14.01 -0.57
N PRO B 42 -23.28 12.87 0.05
CA PRO B 42 -21.89 12.42 0.09
C PRO B 42 -21.46 11.85 -1.27
N HIS B 43 -20.27 12.24 -1.72
CA HIS B 43 -19.72 11.77 -2.98
C HIS B 43 -18.65 10.75 -2.61
N ILE B 44 -18.85 9.50 -3.03
CA ILE B 44 -17.89 8.46 -2.68
C ILE B 44 -17.45 7.68 -3.91
N GLY B 45 -16.14 7.66 -4.11
CA GLY B 45 -15.55 6.93 -5.23
C GLY B 45 -15.90 7.51 -6.59
N TYR B 46 -15.57 6.73 -7.63
CA TYR B 46 -15.82 7.07 -9.02
C TYR B 46 -16.50 5.85 -9.60
N TRP B 47 -17.12 5.98 -10.77
CA TRP B 47 -17.76 4.80 -11.34
C TRP B 47 -16.69 3.82 -11.81
N LYS B 48 -15.52 4.35 -12.16
CA LYS B 48 -14.40 3.52 -12.60
C LYS B 48 -13.59 2.96 -11.43
N GLN B 49 -13.82 3.49 -10.24
CA GLN B 49 -13.13 3.04 -9.02
C GLN B 49 -14.12 3.03 -7.85
N LEU B 50 -15.05 2.09 -7.87
CA LEU B 50 -16.08 1.99 -6.83
C LEU B 50 -15.52 1.61 -5.48
N SER B 51 -16.17 2.12 -4.44
CA SER B 51 -15.77 1.83 -3.07
C SER B 51 -16.87 1.00 -2.42
N SER B 52 -16.61 -0.28 -2.23
CA SER B 52 -17.58 -1.16 -1.62
C SER B 52 -17.99 -0.66 -0.23
N GLU B 53 -17.01 -0.42 0.64
CA GLU B 53 -17.30 0.04 1.99
C GLU B 53 -18.00 1.38 1.98
N GLY B 54 -17.52 2.30 1.13
CA GLY B 54 -18.14 3.61 1.03
C GLY B 54 -19.60 3.53 0.65
N ILE B 55 -19.88 2.80 -0.41
CA ILE B 55 -21.25 2.64 -0.88
C ILE B 55 -22.12 1.94 0.16
N LEU B 56 -21.61 0.84 0.72
CA LEU B 56 -22.35 0.09 1.72
C LEU B 56 -22.62 0.87 3.00
N SER B 57 -21.78 1.86 3.29
CA SER B 57 -21.96 2.68 4.48
C SER B 57 -23.21 3.55 4.36
N LEU B 58 -23.78 3.61 3.16
CA LEU B 58 -24.97 4.40 2.92
C LEU B 58 -26.23 3.53 2.95
N ARG B 59 -26.04 2.24 3.22
CA ARG B 59 -27.17 1.31 3.30
C ARG B 59 -28.13 1.49 2.12
N PRO B 60 -27.60 1.44 0.90
CA PRO B 60 -28.48 1.59 -0.26
C PRO B 60 -29.28 0.33 -0.54
N ASP B 61 -30.41 0.48 -1.21
CA ASP B 61 -31.22 -0.66 -1.59
C ASP B 61 -30.82 -0.96 -3.03
N SER B 62 -30.47 0.10 -3.77
CA SER B 62 -30.07 -0.01 -5.16
C SER B 62 -28.86 0.85 -5.49
N VAL B 63 -28.13 0.41 -6.52
CA VAL B 63 -26.98 1.13 -7.02
C VAL B 63 -27.20 1.18 -8.53
N ILE B 64 -27.04 2.37 -9.10
CA ILE B 64 -27.27 2.56 -10.53
C ILE B 64 -25.98 3.10 -11.10
N THR B 65 -25.45 2.41 -12.11
CA THR B 65 -24.19 2.84 -12.69
C THR B 65 -23.99 2.32 -14.12
N TRP B 66 -22.81 2.56 -14.66
CA TRP B 66 -22.51 2.13 -16.03
C TRP B 66 -22.11 0.67 -16.09
N GLN B 67 -22.38 0.05 -17.23
CA GLN B 67 -22.07 -1.36 -17.43
C GLN B 67 -20.56 -1.61 -17.25
N ASP B 68 -19.73 -0.65 -17.62
CA ASP B 68 -18.29 -0.85 -17.47
C ASP B 68 -17.73 -0.23 -16.20
N ALA B 69 -18.59 0.05 -15.22
CA ALA B 69 -18.12 0.59 -13.96
C ALA B 69 -17.35 -0.55 -13.31
N GLY B 70 -16.38 -0.22 -12.46
CA GLY B 70 -15.60 -1.25 -11.79
C GLY B 70 -14.92 -0.73 -10.53
N PRO B 71 -14.11 -1.57 -9.86
CA PRO B 71 -13.84 -2.96 -10.25
C PRO B 71 -15.07 -3.86 -10.17
N GLN B 72 -15.14 -4.82 -11.09
CA GLN B 72 -16.26 -5.74 -11.15
C GLN B 72 -16.52 -6.47 -9.84
N ILE B 73 -15.47 -6.80 -9.10
CA ILE B 73 -15.66 -7.52 -7.85
C ILE B 73 -16.49 -6.69 -6.86
N VAL B 74 -16.43 -5.35 -6.98
CA VAL B 74 -17.24 -4.53 -6.07
C VAL B 74 -18.71 -4.74 -6.38
N LEU B 75 -19.08 -4.75 -7.65
CA LEU B 75 -20.46 -4.95 -8.03
C LEU B 75 -20.95 -6.32 -7.54
N ASP B 76 -20.10 -7.33 -7.66
CA ASP B 76 -20.48 -8.66 -7.20
C ASP B 76 -20.68 -8.63 -5.68
N GLN B 77 -19.77 -7.95 -4.99
CA GLN B 77 -19.85 -7.82 -3.54
C GLN B 77 -21.17 -7.16 -3.14
N LEU B 78 -21.54 -6.08 -3.84
CA LEU B 78 -22.81 -5.40 -3.55
C LEU B 78 -24.01 -6.33 -3.74
N ARG B 79 -24.02 -7.10 -4.82
CA ARG B 79 -25.14 -8.02 -5.04
C ARG B 79 -25.16 -9.03 -3.89
N ALA B 80 -23.98 -9.46 -3.45
CA ALA B 80 -23.90 -10.42 -2.37
C ALA B 80 -24.46 -9.84 -1.07
N GLN B 81 -24.46 -8.51 -0.95
CA GLN B 81 -25.00 -7.86 0.25
C GLN B 81 -26.47 -7.51 0.09
N LYS B 82 -27.09 -8.05 -0.97
CA LYS B 82 -28.50 -7.85 -1.27
C LYS B 82 -28.81 -6.48 -1.84
N VAL B 83 -27.81 -5.83 -2.44
CA VAL B 83 -28.04 -4.54 -3.05
C VAL B 83 -28.42 -4.75 -4.52
N ASN B 84 -29.52 -4.14 -4.95
CA ASN B 84 -29.94 -4.28 -6.33
C ASN B 84 -29.02 -3.41 -7.19
N VAL B 85 -28.27 -4.03 -8.09
CA VAL B 85 -27.35 -3.28 -8.94
C VAL B 85 -27.90 -3.17 -10.36
N VAL B 86 -28.12 -1.93 -10.79
CA VAL B 86 -28.64 -1.64 -12.13
C VAL B 86 -27.56 -0.97 -12.96
N THR B 87 -27.28 -1.52 -14.14
CA THR B 87 -26.26 -0.95 -15.01
C THR B 87 -26.83 -0.64 -16.38
N LEU B 88 -26.27 0.40 -17.00
CA LEU B 88 -26.71 0.81 -18.33
C LEU B 88 -25.49 0.91 -19.24
N PRO B 89 -25.70 0.68 -20.55
CA PRO B 89 -24.62 0.75 -21.53
C PRO B 89 -24.18 2.20 -21.72
N ARG B 90 -22.90 2.49 -21.46
CA ARG B 90 -22.40 3.85 -21.63
C ARG B 90 -22.04 4.14 -23.10
N VAL B 91 -21.81 3.09 -23.88
CA VAL B 91 -21.48 3.25 -25.29
C VAL B 91 -22.48 2.47 -26.15
N PRO B 92 -22.74 2.94 -27.39
CA PRO B 92 -22.17 4.14 -28.02
C PRO B 92 -22.82 5.45 -27.59
N ALA B 93 -22.21 6.56 -27.99
CA ALA B 93 -22.74 7.87 -27.68
C ALA B 93 -23.69 8.30 -28.79
N THR B 94 -24.85 7.67 -28.85
CA THR B 94 -25.85 8.00 -29.86
C THR B 94 -27.15 8.40 -29.18
N LEU B 95 -27.96 9.19 -29.86
CA LEU B 95 -29.23 9.60 -29.31
C LEU B 95 -30.06 8.34 -29.07
N GLU B 96 -30.01 7.42 -30.03
CA GLU B 96 -30.76 6.18 -29.89
C GLU B 96 -30.44 5.45 -28.59
N GLN B 97 -29.16 5.36 -28.23
CA GLN B 97 -28.81 4.65 -27.00
C GLN B 97 -29.15 5.47 -25.77
N MET B 98 -29.01 6.78 -25.86
CA MET B 98 -29.34 7.67 -24.75
C MET B 98 -30.83 7.55 -24.45
N TYR B 99 -31.66 7.63 -25.50
CA TYR B 99 -33.11 7.53 -25.33
C TYR B 99 -33.45 6.16 -24.74
N ALA B 100 -32.80 5.12 -25.26
CA ALA B 100 -33.01 3.77 -24.78
C ALA B 100 -32.61 3.66 -23.30
N ASN B 101 -31.52 4.33 -22.93
CA ASN B 101 -31.09 4.30 -21.55
C ASN B 101 -32.13 5.04 -20.71
N ILE B 102 -32.58 6.19 -21.21
CA ILE B 102 -33.58 6.98 -20.49
C ILE B 102 -34.82 6.14 -20.20
N ARG B 103 -35.27 5.37 -21.18
CA ARG B 103 -36.44 4.53 -20.99
C ARG B 103 -36.18 3.37 -20.03
N GLN B 104 -35.03 2.73 -20.14
CA GLN B 104 -34.69 1.62 -19.26
C GLN B 104 -34.71 2.12 -17.81
N LEU B 105 -34.08 3.26 -17.58
CA LEU B 105 -34.01 3.86 -16.26
C LEU B 105 -35.41 4.22 -15.74
N ALA B 106 -36.19 4.89 -16.58
CA ALA B 106 -37.55 5.28 -16.18
C ALA B 106 -38.36 4.04 -15.82
N LYS B 107 -38.24 3.00 -16.63
CA LYS B 107 -38.95 1.75 -16.38
C LYS B 107 -38.53 1.18 -15.02
N THR B 108 -37.24 1.05 -14.80
CA THR B 108 -36.71 0.53 -13.54
C THR B 108 -37.18 1.38 -12.36
N LEU B 109 -37.09 2.70 -12.51
CA LEU B 109 -37.50 3.63 -11.46
C LEU B 109 -39.03 3.73 -11.39
N GLN B 110 -39.70 3.20 -12.40
CA GLN B 110 -41.16 3.23 -12.47
C GLN B 110 -41.76 4.64 -12.64
N VAL B 111 -41.19 5.40 -13.55
CA VAL B 111 -41.66 6.73 -13.88
C VAL B 111 -41.59 6.83 -15.40
N PRO B 112 -42.10 5.81 -16.09
CA PRO B 112 -42.09 5.76 -17.56
C PRO B 112 -42.58 7.03 -18.23
N GLU B 113 -43.64 7.63 -17.68
CA GLU B 113 -44.18 8.85 -18.25
C GLU B 113 -43.16 9.98 -18.22
N GLN B 114 -42.38 10.07 -17.15
CA GLN B 114 -41.37 11.10 -17.05
C GLN B 114 -40.28 10.83 -18.09
N GLY B 115 -39.94 9.57 -18.28
CA GLY B 115 -38.94 9.21 -19.25
C GLY B 115 -39.34 9.61 -20.65
N ASP B 116 -40.58 9.28 -21.02
CA ASP B 116 -41.09 9.63 -22.34
C ASP B 116 -41.11 11.13 -22.57
N ALA B 117 -41.56 11.88 -21.56
CA ALA B 117 -41.61 13.34 -21.68
C ALA B 117 -40.22 13.90 -21.90
N LEU B 118 -39.24 13.36 -21.17
CA LEU B 118 -37.87 13.84 -21.30
C LEU B 118 -37.32 13.59 -22.71
N VAL B 119 -37.53 12.40 -23.24
CA VAL B 119 -37.05 12.05 -24.58
C VAL B 119 -37.66 13.00 -25.62
N THR B 120 -38.97 13.20 -25.54
CA THR B 120 -39.68 14.09 -26.47
C THR B 120 -39.16 15.53 -26.40
N GLN B 121 -38.95 16.02 -25.20
CA GLN B 121 -38.45 17.37 -25.03
C GLN B 121 -37.07 17.55 -25.65
N ILE B 122 -36.16 16.62 -25.37
CA ILE B 122 -34.83 16.69 -25.92
C ILE B 122 -34.89 16.60 -27.45
N ASN B 123 -35.59 15.59 -27.95
CA ASN B 123 -35.70 15.39 -29.39
C ASN B 123 -36.28 16.59 -30.14
N GLN B 124 -37.32 17.22 -29.61
CA GLN B 124 -37.91 18.36 -30.29
C GLN B 124 -36.90 19.49 -30.40
N ARG B 125 -36.15 19.72 -29.32
CA ARG B 125 -35.14 20.78 -29.31
C ARG B 125 -34.06 20.51 -30.36
N LEU B 126 -33.57 19.27 -30.39
CA LEU B 126 -32.51 18.91 -31.34
C LEU B 126 -33.00 18.93 -32.79
N GLU B 127 -34.25 18.53 -32.99
CA GLU B 127 -34.85 18.50 -34.32
C GLU B 127 -34.86 19.93 -34.86
N ARG B 128 -35.12 20.88 -33.97
CA ARG B 128 -35.18 22.31 -34.30
C ARG B 128 -33.82 22.82 -34.78
N VAL B 129 -32.76 22.40 -34.11
CA VAL B 129 -31.42 22.81 -34.48
C VAL B 129 -31.05 22.16 -35.81
N GLN B 130 -31.42 20.89 -35.98
CA GLN B 130 -31.13 20.18 -37.22
C GLN B 130 -31.77 20.85 -38.43
N GLN B 131 -32.95 21.41 -38.23
CA GLN B 131 -33.65 22.10 -39.32
C GLN B 131 -32.92 23.40 -39.64
N ASN B 132 -32.45 24.09 -38.60
CA ASN B 132 -31.72 25.34 -38.79
C ASN B 132 -30.46 25.02 -39.60
N VAL B 133 -29.77 23.95 -39.19
CA VAL B 133 -28.55 23.53 -39.87
C VAL B 133 -28.84 23.10 -41.30
N ALA B 134 -29.95 22.40 -41.49
CA ALA B 134 -30.34 21.92 -42.82
C ALA B 134 -30.44 23.04 -43.84
N ALA B 135 -30.73 24.25 -43.36
CA ALA B 135 -30.86 25.40 -44.24
C ALA B 135 -29.49 25.82 -44.76
N LYS B 136 -28.60 26.19 -43.83
CA LYS B 136 -27.25 26.62 -44.16
C LYS B 136 -26.56 25.67 -45.13
N LYS B 137 -25.56 26.17 -45.84
CA LYS B 137 -24.84 25.36 -46.82
C LYS B 137 -23.48 24.89 -46.29
N ALA B 138 -23.30 23.57 -46.27
CA ALA B 138 -22.07 22.94 -45.81
C ALA B 138 -21.79 23.13 -44.32
N PRO B 139 -21.95 22.06 -43.52
CA PRO B 139 -21.69 22.16 -42.08
C PRO B 139 -20.28 22.70 -41.87
N VAL B 140 -20.06 23.36 -40.73
CA VAL B 140 -18.75 23.93 -40.43
C VAL B 140 -17.76 22.83 -40.05
N LYS B 141 -16.56 22.88 -40.62
CA LYS B 141 -15.54 21.90 -40.28
C LYS B 141 -14.94 22.32 -38.95
N ALA B 142 -14.91 21.41 -37.99
CA ALA B 142 -14.40 21.74 -36.68
C ALA B 142 -13.76 20.56 -35.97
N MET B 143 -13.18 20.84 -34.82
CA MET B 143 -12.56 19.81 -34.01
C MET B 143 -12.60 20.25 -32.56
N PHE B 144 -12.68 19.28 -31.67
CA PHE B 144 -12.75 19.55 -30.24
C PHE B 144 -11.50 18.97 -29.59
N ILE B 145 -10.84 19.79 -28.78
CA ILE B 145 -9.63 19.37 -28.08
C ILE B 145 -9.93 19.39 -26.58
N LEU B 146 -9.56 18.30 -25.90
CA LEU B 146 -9.81 18.13 -24.49
C LEU B 146 -8.63 17.62 -23.68
N SER B 147 -8.62 17.98 -22.41
CA SER B 147 -7.62 17.54 -21.44
C SER B 147 -8.42 17.00 -20.27
N ALA B 148 -8.30 15.71 -20.00
CA ALA B 148 -9.05 15.11 -18.91
C ALA B 148 -8.24 14.05 -18.19
N GLY B 149 -8.46 13.94 -16.88
CA GLY B 149 -7.77 12.96 -16.07
C GLY B 149 -6.27 13.17 -16.02
N GLY B 150 -5.83 14.40 -16.26
CA GLY B 150 -4.41 14.69 -16.27
C GLY B 150 -3.74 14.22 -17.54
N SER B 151 -4.53 14.04 -18.58
CA SER B 151 -4.00 13.59 -19.87
C SER B 151 -3.48 14.76 -20.69
N ALA B 152 -2.60 14.47 -21.64
CA ALA B 152 -2.08 15.50 -22.53
C ALA B 152 -3.32 15.90 -23.36
N PRO B 153 -3.29 17.07 -24.03
CA PRO B 153 -4.44 17.49 -24.84
C PRO B 153 -4.74 16.52 -25.97
N GLN B 154 -6.01 16.11 -26.10
CA GLN B 154 -6.39 15.16 -27.12
C GLN B 154 -7.60 15.58 -27.96
N VAL B 155 -7.57 15.16 -29.22
CA VAL B 155 -8.63 15.47 -30.17
C VAL B 155 -9.73 14.42 -30.10
N ALA B 156 -10.98 14.88 -30.03
CA ALA B 156 -12.12 13.99 -29.96
C ALA B 156 -12.40 13.39 -31.34
N GLY B 157 -12.43 12.07 -31.40
CA GLY B 157 -12.71 11.41 -32.66
C GLY B 157 -14.11 10.85 -32.69
N LYS B 158 -14.38 10.10 -33.75
CA LYS B 158 -15.68 9.47 -33.94
C LYS B 158 -15.99 8.55 -32.77
N GLY B 159 -17.24 8.55 -32.33
CA GLY B 159 -17.60 7.69 -31.23
C GLY B 159 -17.53 8.37 -29.87
N SER B 160 -16.92 9.55 -29.81
CA SER B 160 -16.84 10.26 -28.55
C SER B 160 -18.12 11.09 -28.34
N VAL B 161 -18.33 11.50 -27.09
CA VAL B 161 -19.50 12.30 -26.76
C VAL B 161 -19.38 13.65 -27.46
N ALA B 162 -18.18 14.23 -27.41
CA ALA B 162 -17.93 15.52 -28.05
C ALA B 162 -18.29 15.47 -29.53
N ASP B 163 -17.90 14.39 -30.21
CA ASP B 163 -18.22 14.22 -31.63
C ASP B 163 -19.73 14.26 -31.88
N ALA B 164 -20.49 13.60 -31.00
CA ALA B 164 -21.95 13.57 -31.13
C ALA B 164 -22.55 14.96 -30.95
N ILE B 165 -22.01 15.73 -29.99
CA ILE B 165 -22.50 17.08 -29.74
C ILE B 165 -22.16 18.02 -30.91
N LEU B 166 -20.93 17.90 -31.41
CA LEU B 166 -20.50 18.70 -32.56
C LEU B 166 -21.42 18.44 -33.73
N SER B 167 -21.65 17.16 -34.02
CA SER B 167 -22.53 16.79 -35.14
C SER B 167 -23.94 17.35 -34.95
N LEU B 168 -24.52 17.11 -33.78
CA LEU B 168 -25.87 17.60 -33.50
C LEU B 168 -25.93 19.12 -33.64
N ALA B 169 -24.80 19.78 -33.37
CA ALA B 169 -24.74 21.24 -33.45
C ALA B 169 -24.64 21.72 -34.89
N GLY B 170 -24.35 20.81 -35.81
CA GLY B 170 -24.27 21.19 -37.22
C GLY B 170 -22.84 21.33 -37.73
N ALA B 171 -21.89 20.75 -37.02
CA ALA B 171 -20.50 20.85 -37.47
C ALA B 171 -20.00 19.52 -37.99
N GLU B 172 -19.01 19.59 -38.89
CA GLU B 172 -18.38 18.41 -39.45
C GLU B 172 -17.11 18.17 -38.64
N ASN B 173 -16.99 17.03 -37.98
CA ASN B 173 -15.78 16.75 -37.21
C ASN B 173 -14.67 16.34 -38.16
N VAL B 174 -13.61 17.14 -38.22
CA VAL B 174 -12.48 16.86 -39.09
C VAL B 174 -11.73 15.58 -38.71
N ALA B 175 -11.71 15.24 -37.42
CA ALA B 175 -11.03 14.05 -36.94
C ALA B 175 -11.66 12.76 -37.48
N THR B 176 -10.83 11.84 -37.97
CA THR B 176 -11.36 10.59 -38.52
C THR B 176 -11.04 9.35 -37.69
N HIS B 177 -10.19 9.52 -36.68
CA HIS B 177 -9.83 8.42 -35.80
C HIS B 177 -10.97 8.16 -34.82
N GLN B 178 -10.92 7.03 -34.11
CA GLN B 178 -11.96 6.70 -33.14
C GLN B 178 -11.56 7.21 -31.76
N GLN B 179 -12.52 7.82 -31.07
CA GLN B 179 -12.26 8.33 -29.72
C GLN B 179 -11.20 9.43 -29.64
N TYR B 180 -10.40 9.42 -28.56
CA TYR B 180 -9.38 10.46 -28.34
C TYR B 180 -7.94 10.08 -28.66
N LYS B 181 -7.21 11.01 -29.27
CA LYS B 181 -5.82 10.79 -29.65
C LYS B 181 -5.03 12.08 -29.56
N SER B 182 -3.75 11.99 -29.22
CA SER B 182 -2.92 13.18 -29.16
C SER B 182 -2.39 13.47 -30.55
N TYR B 183 -2.61 14.70 -31.01
CA TYR B 183 -2.14 15.15 -32.32
C TYR B 183 -0.83 15.90 -32.22
N SER B 184 0.11 15.60 -33.11
CA SER B 184 1.37 16.34 -33.14
C SER B 184 0.95 17.67 -33.80
N ALA B 185 1.82 18.67 -33.74
CA ALA B 185 1.52 19.96 -34.35
C ALA B 185 1.15 19.77 -35.83
N GLU B 186 1.92 18.92 -36.50
CA GLU B 186 1.70 18.65 -37.92
C GLU B 186 0.30 18.19 -38.24
N SER B 187 -0.16 17.19 -37.49
CA SER B 187 -1.50 16.65 -37.71
C SER B 187 -2.62 17.64 -37.41
N LEU B 188 -2.41 18.52 -36.44
CA LEU B 188 -3.42 19.51 -36.07
C LEU B 188 -3.52 20.56 -37.16
N ILE B 189 -2.37 21.04 -37.61
CA ILE B 189 -2.30 22.05 -38.66
C ILE B 189 -2.89 21.49 -39.96
N ALA B 190 -2.52 20.25 -40.29
CA ALA B 190 -3.01 19.59 -41.49
C ALA B 190 -4.52 19.34 -41.48
N ALA B 191 -5.06 19.03 -40.31
CA ALA B 191 -6.50 18.79 -40.18
C ALA B 191 -7.25 20.01 -40.70
N ASN B 192 -6.67 21.17 -40.48
CA ASN B 192 -7.21 22.44 -40.95
C ASN B 192 -8.71 22.71 -40.72
N PRO B 193 -9.15 22.71 -39.46
CA PRO B 193 -10.58 22.97 -39.21
C PRO B 193 -10.87 24.48 -39.26
N GLU B 194 -12.10 24.86 -39.56
CA GLU B 194 -12.47 26.28 -39.61
C GLU B 194 -12.57 26.82 -38.19
N VAL B 195 -13.06 25.96 -37.29
CA VAL B 195 -13.27 26.32 -35.88
C VAL B 195 -12.68 25.24 -34.99
N ILE B 196 -12.18 25.64 -33.83
CA ILE B 196 -11.65 24.69 -32.87
C ILE B 196 -12.39 24.94 -31.57
N VAL B 197 -12.93 23.88 -30.98
CA VAL B 197 -13.66 24.00 -29.72
C VAL B 197 -12.82 23.45 -28.59
N VAL B 198 -12.75 24.19 -27.49
CA VAL B 198 -12.03 23.78 -26.31
C VAL B 198 -12.93 24.03 -25.10
N THR B 199 -12.51 23.59 -23.92
CA THR B 199 -13.34 23.78 -22.74
C THR B 199 -13.06 25.10 -22.03
N SER B 200 -14.02 25.54 -21.22
CA SER B 200 -13.89 26.77 -20.46
C SER B 200 -12.78 26.59 -19.44
N GLN B 201 -12.73 25.40 -18.86
CA GLN B 201 -11.74 25.05 -17.84
C GLN B 201 -10.30 25.17 -18.34
N MET B 202 -10.10 24.85 -19.62
CA MET B 202 -8.77 24.91 -20.21
C MET B 202 -8.31 26.33 -20.55
N VAL B 203 -9.25 27.19 -20.95
CA VAL B 203 -8.90 28.57 -21.30
C VAL B 203 -8.82 29.39 -20.00
N ASP B 204 -9.80 29.18 -19.13
CA ASP B 204 -9.84 29.85 -17.84
C ASP B 204 -9.65 31.36 -17.95
N GLY B 205 -10.27 31.97 -18.96
CA GLY B 205 -10.15 33.41 -19.14
C GLY B 205 -8.87 33.94 -19.77
N ASP B 206 -7.97 33.06 -20.17
CA ASP B 206 -6.72 33.50 -20.80
C ASP B 206 -6.39 32.59 -21.98
N ILE B 207 -6.76 33.01 -23.18
CA ILE B 207 -6.51 32.19 -24.34
C ILE B 207 -5.04 31.79 -24.54
N ASN B 208 -4.13 32.55 -23.96
CA ASN B 208 -2.70 32.26 -24.08
C ASN B 208 -2.28 30.93 -23.46
N ARG B 209 -3.06 30.43 -22.50
CA ARG B 209 -2.74 29.16 -21.87
C ARG B 209 -2.79 28.03 -22.90
N LEU B 210 -3.49 28.25 -24.00
CA LEU B 210 -3.59 27.22 -25.04
C LEU B 210 -2.32 27.04 -25.87
N ARG B 211 -1.34 27.91 -25.70
CA ARG B 211 -0.12 27.83 -26.48
C ARG B 211 0.71 26.57 -26.28
N SER B 212 0.42 25.80 -25.22
CA SER B 212 1.16 24.55 -24.99
C SER B 212 0.60 23.37 -25.78
N ILE B 213 -0.49 23.61 -26.50
CA ILE B 213 -1.11 22.56 -27.33
C ILE B 213 -0.38 22.60 -28.68
N ALA B 214 0.40 21.56 -28.94
CA ALA B 214 1.17 21.49 -30.18
C ALA B 214 0.39 21.88 -31.45
N GLY B 215 0.91 22.89 -32.13
CA GLY B 215 0.36 23.35 -33.40
C GLY B 215 -0.83 24.27 -33.43
N ILE B 216 -1.53 24.42 -32.32
CA ILE B 216 -2.72 25.25 -32.32
C ILE B 216 -2.55 26.71 -32.75
N THR B 217 -1.41 27.33 -32.47
CA THR B 217 -1.22 28.72 -32.84
C THR B 217 -0.95 28.89 -34.33
N HIS B 218 -0.82 27.78 -35.05
CA HIS B 218 -0.56 27.81 -36.49
C HIS B 218 -1.78 27.36 -37.29
N THR B 219 -2.89 27.15 -36.59
CA THR B 219 -4.11 26.71 -37.23
C THR B 219 -4.85 27.92 -37.79
N ALA B 220 -5.69 27.68 -38.79
CA ALA B 220 -6.47 28.76 -39.37
C ALA B 220 -7.43 29.29 -38.29
N ALA B 221 -7.97 28.37 -37.48
CA ALA B 221 -8.91 28.74 -36.43
C ALA B 221 -8.31 29.69 -35.40
N TRP B 222 -7.04 29.51 -35.07
CA TRP B 222 -6.37 30.39 -34.11
C TRP B 222 -6.24 31.78 -34.76
N LYS B 223 -5.68 31.80 -35.97
CA LYS B 223 -5.46 33.04 -36.72
C LYS B 223 -6.76 33.83 -36.98
N ASN B 224 -7.80 33.15 -37.43
CA ASN B 224 -9.07 33.82 -37.70
C ASN B 224 -9.88 34.01 -36.43
N GLN B 225 -9.27 33.72 -35.28
CA GLN B 225 -9.94 33.86 -34.00
C GLN B 225 -11.28 33.12 -33.95
N ARG B 226 -11.26 31.87 -34.39
CA ARG B 226 -12.46 31.04 -34.39
C ARG B 226 -12.31 29.90 -33.39
N ILE B 227 -12.00 30.26 -32.15
CA ILE B 227 -11.84 29.28 -31.08
C ILE B 227 -12.99 29.46 -30.09
N ILE B 228 -13.87 28.47 -30.07
CA ILE B 228 -15.04 28.48 -29.19
C ILE B 228 -14.79 27.75 -27.88
N THR B 229 -15.59 28.09 -26.88
CA THR B 229 -15.49 27.51 -25.55
C THR B 229 -16.80 26.85 -25.09
N VAL B 230 -16.68 25.70 -24.43
CA VAL B 230 -17.83 24.98 -23.91
C VAL B 230 -17.43 24.41 -22.56
N ASP B 231 -18.39 24.31 -21.64
CA ASP B 231 -18.12 23.79 -20.31
C ASP B 231 -17.82 22.29 -20.39
N GLN B 232 -16.66 21.88 -19.88
CA GLN B 232 -16.26 20.48 -19.91
C GLN B 232 -17.29 19.54 -19.29
N ASN B 233 -18.01 20.03 -18.29
CA ASN B 233 -19.02 19.22 -17.59
C ASN B 233 -20.21 18.87 -18.48
N LEU B 234 -20.28 19.47 -19.68
CA LEU B 234 -21.40 19.23 -20.57
C LEU B 234 -21.05 18.42 -21.81
N ILE B 235 -19.79 18.04 -21.96
CA ILE B 235 -19.38 17.30 -23.16
C ILE B 235 -18.70 15.97 -22.91
N LEU B 236 -18.85 15.44 -21.70
CA LEU B 236 -18.25 14.15 -21.37
C LEU B 236 -19.33 13.07 -21.25
N GLY B 237 -20.59 13.50 -21.17
CA GLY B 237 -21.69 12.55 -21.06
C GLY B 237 -22.95 13.08 -21.72
N MET B 238 -23.78 12.17 -22.23
CA MET B 238 -25.03 12.58 -22.86
C MET B 238 -26.11 12.63 -21.78
N GLY B 239 -26.26 13.81 -21.18
CA GLY B 239 -27.24 13.99 -20.13
C GLY B 239 -28.47 14.76 -20.57
N PRO B 240 -29.36 15.08 -19.63
CA PRO B 240 -30.60 15.81 -19.89
C PRO B 240 -30.37 17.21 -20.44
N ARG B 241 -29.15 17.73 -20.26
CA ARG B 241 -28.83 19.07 -20.71
C ARG B 241 -28.14 19.07 -22.06
N ILE B 242 -28.21 17.94 -22.76
CA ILE B 242 -27.53 17.87 -24.05
C ILE B 242 -28.04 18.94 -25.02
N ALA B 243 -29.36 19.18 -25.04
CA ALA B 243 -29.92 20.16 -25.97
C ALA B 243 -29.37 21.55 -25.69
N ASP B 244 -29.17 21.85 -24.41
CA ASP B 244 -28.64 23.14 -24.02
C ASP B 244 -27.27 23.38 -24.64
N VAL B 245 -26.36 22.43 -24.47
CA VAL B 245 -25.03 22.59 -25.01
C VAL B 245 -25.04 22.58 -26.54
N VAL B 246 -25.91 21.78 -27.14
CA VAL B 246 -25.98 21.73 -28.60
C VAL B 246 -26.47 23.06 -29.17
N GLU B 247 -27.46 23.68 -28.53
CA GLU B 247 -28.01 24.96 -28.98
C GLU B 247 -26.99 26.07 -28.83
N SER B 248 -26.31 26.08 -27.70
CA SER B 248 -25.29 27.07 -27.41
C SER B 248 -24.14 26.95 -28.40
N LEU B 249 -23.69 25.72 -28.64
CA LEU B 249 -22.61 25.50 -29.58
C LEU B 249 -23.05 25.90 -30.98
N HIS B 250 -24.29 25.59 -31.32
CA HIS B 250 -24.81 25.93 -32.63
C HIS B 250 -24.79 27.44 -32.90
N GLN B 251 -25.04 28.23 -31.86
CA GLN B 251 -25.03 29.68 -31.98
C GLN B 251 -23.63 30.18 -32.33
N GLN B 252 -22.62 29.60 -31.68
CA GLN B 252 -21.23 29.97 -31.91
C GLN B 252 -20.69 29.52 -33.26
N LEU B 253 -21.20 28.40 -33.76
CA LEU B 253 -20.76 27.88 -35.05
C LEU B 253 -21.26 28.78 -36.17
N TRP B 254 -22.35 29.49 -35.90
CA TRP B 254 -22.95 30.42 -36.85
C TRP B 254 -23.43 31.61 -36.03
N PRO B 255 -22.51 32.52 -35.67
CA PRO B 255 -22.80 33.71 -34.87
C PRO B 255 -24.08 34.42 -35.29
N GLN B 256 -24.07 35.00 -36.49
CA GLN B 256 -25.24 35.70 -37.01
C GLN B 256 -25.35 35.53 -38.52
N ALA C 2 44.04 -9.14 16.25
CA ALA C 2 42.91 -9.33 15.29
C ALA C 2 41.65 -8.64 15.81
N GLU C 3 40.92 -7.99 14.90
CA GLU C 3 39.69 -7.28 15.24
C GLU C 3 38.51 -8.25 15.39
N ARG C 4 37.74 -8.06 16.46
CA ARG C 4 36.59 -8.90 16.77
C ARG C 4 35.31 -8.12 16.48
N ILE C 5 34.53 -8.62 15.53
CA ILE C 5 33.30 -7.93 15.13
C ILE C 5 32.01 -8.72 15.37
N VAL C 6 30.98 -8.02 15.81
CA VAL C 6 29.67 -8.62 16.02
C VAL C 6 28.73 -7.88 15.06
N VAL C 7 28.01 -8.64 14.24
CA VAL C 7 27.10 -8.07 13.24
C VAL C 7 25.63 -8.36 13.57
N ALA C 8 24.79 -7.34 13.50
CA ALA C 8 23.36 -7.52 13.77
C ALA C 8 22.62 -7.09 12.51
N GLY C 9 22.08 -8.08 11.80
CA GLY C 9 21.38 -7.83 10.55
C GLY C 9 21.91 -8.83 9.53
N GLY C 10 21.11 -9.82 9.18
CA GLY C 10 21.53 -10.85 8.24
C GLY C 10 22.17 -10.33 6.97
N SER C 11 21.51 -9.37 6.33
CA SER C 11 21.98 -8.77 5.09
C SER C 11 23.40 -8.22 5.25
N LEU C 12 23.65 -7.53 6.36
CA LEU C 12 24.97 -6.97 6.60
C LEU C 12 25.99 -8.11 6.76
N THR C 13 25.62 -9.15 7.50
CA THR C 13 26.52 -10.26 7.70
C THR C 13 26.96 -10.83 6.33
N GLU C 14 26.00 -11.05 5.44
CA GLU C 14 26.33 -11.59 4.10
C GLU C 14 27.30 -10.69 3.35
N LEU C 15 27.05 -9.39 3.38
CA LEU C 15 27.90 -8.42 2.71
C LEU C 15 29.33 -8.48 3.24
N ILE C 16 29.46 -8.56 4.55
CA ILE C 16 30.78 -8.60 5.19
C ILE C 16 31.57 -9.85 4.79
N TYR C 17 30.88 -10.99 4.67
CA TYR C 17 31.56 -12.22 4.28
C TYR C 17 31.91 -12.20 2.79
N ALA C 18 30.99 -11.68 1.97
CA ALA C 18 31.23 -11.61 0.53
C ALA C 18 32.33 -10.59 0.27
N MET C 19 32.62 -9.79 1.27
CA MET C 19 33.65 -8.75 1.19
C MET C 19 35.02 -9.28 1.60
N GLY C 20 35.04 -10.50 2.12
CA GLY C 20 36.29 -11.09 2.56
C GLY C 20 36.72 -10.72 3.96
N ALA C 21 35.82 -10.09 4.73
CA ALA C 21 36.14 -9.71 6.10
C ALA C 21 35.48 -10.68 7.08
N GLY C 22 34.96 -11.78 6.55
CA GLY C 22 34.28 -12.76 7.38
C GLY C 22 35.06 -13.31 8.55
N GLU C 23 36.36 -13.47 8.39
CA GLU C 23 37.21 -14.01 9.45
C GLU C 23 37.18 -13.24 10.76
N ARG C 24 36.89 -11.94 10.70
CA ARG C 24 36.86 -11.10 11.89
C ARG C 24 35.54 -11.12 12.67
N VAL C 25 34.54 -11.80 12.13
CA VAL C 25 33.24 -11.85 12.81
C VAL C 25 33.22 -12.90 13.92
N VAL C 26 32.90 -12.47 15.14
CA VAL C 26 32.86 -13.39 16.27
C VAL C 26 31.45 -13.64 16.81
N GLY C 27 30.46 -12.93 16.28
CA GLY C 27 29.09 -13.10 16.70
C GLY C 27 28.11 -12.44 15.74
N VAL C 28 26.89 -12.97 15.66
CA VAL C 28 25.89 -12.38 14.77
C VAL C 28 24.55 -12.41 15.51
N ASP C 29 23.49 -11.90 14.87
CA ASP C 29 22.17 -11.88 15.51
C ASP C 29 21.30 -12.98 14.92
N GLU C 30 20.08 -13.12 15.45
CA GLU C 30 19.17 -14.16 14.99
C GLU C 30 18.58 -14.02 13.59
N THR C 31 18.74 -12.86 12.94
CA THR C 31 18.23 -12.72 11.57
C THR C 31 19.30 -13.25 10.61
N THR C 32 20.49 -13.52 11.14
CA THR C 32 21.61 -14.03 10.35
C THR C 32 21.47 -15.54 10.18
N SER C 33 21.42 -15.99 8.92
CA SER C 33 21.31 -17.41 8.63
C SER C 33 22.20 -17.79 7.45
N TYR C 34 23.07 -16.88 7.02
CA TYR C 34 23.92 -17.14 5.87
C TYR C 34 25.13 -16.22 5.90
N PRO C 35 26.29 -16.68 5.40
CA PRO C 35 26.59 -17.98 4.80
C PRO C 35 26.74 -19.10 5.84
N PRO C 36 26.74 -20.36 5.38
CA PRO C 36 26.86 -21.58 6.21
C PRO C 36 27.88 -21.57 7.33
N GLU C 37 29.04 -20.95 7.10
CA GLU C 37 30.09 -20.88 8.10
C GLU C 37 29.75 -20.01 9.31
N THR C 38 28.61 -19.33 9.28
CA THR C 38 28.21 -18.52 10.41
C THR C 38 27.50 -19.39 11.44
N ALA C 39 27.12 -20.60 11.03
CA ALA C 39 26.42 -21.52 11.93
C ALA C 39 27.13 -21.78 13.25
N LYS C 40 28.46 -21.77 13.23
CA LYS C 40 29.22 -22.01 14.45
C LYS C 40 29.29 -20.78 15.35
N LEU C 41 28.88 -19.63 14.82
CA LEU C 41 28.93 -18.39 15.58
C LEU C 41 27.74 -18.24 16.51
N PRO C 42 27.95 -17.58 17.65
CA PRO C 42 26.79 -17.42 18.53
C PRO C 42 25.84 -16.37 17.97
N HIS C 43 24.56 -16.72 17.89
CA HIS C 43 23.52 -15.81 17.40
C HIS C 43 22.83 -15.24 18.63
N ILE C 44 23.02 -13.96 18.88
CA ILE C 44 22.42 -13.33 20.05
C ILE C 44 21.57 -12.12 19.71
N GLY C 45 20.33 -12.12 20.20
CA GLY C 45 19.41 -11.02 19.96
C GLY C 45 18.98 -10.81 18.51
N TYR C 46 18.36 -9.67 18.28
CA TYR C 46 17.89 -9.25 16.96
C TYR C 46 18.36 -7.82 16.82
N TRP C 47 18.50 -7.33 15.60
CA TRP C 47 18.92 -5.95 15.44
C TRP C 47 17.85 -4.98 15.97
N LYS C 48 16.59 -5.43 16.01
CA LYS C 48 15.49 -4.61 16.55
C LYS C 48 15.42 -4.79 18.06
N GLN C 49 16.15 -5.78 18.57
CA GLN C 49 16.18 -6.07 20.01
C GLN C 49 17.56 -6.59 20.41
N LEU C 50 18.52 -5.66 20.47
CA LEU C 50 19.89 -5.98 20.83
C LEU C 50 20.08 -6.34 22.29
N SER C 51 21.01 -7.27 22.54
CA SER C 51 21.33 -7.69 23.89
C SER C 51 22.70 -7.13 24.29
N SER C 52 22.68 -6.16 25.18
CA SER C 52 23.90 -5.53 25.66
C SER C 52 24.82 -6.61 26.24
N GLU C 53 24.30 -7.37 27.20
CA GLU C 53 25.09 -8.41 27.84
C GLU C 53 25.58 -9.50 26.88
N GLY C 54 24.70 -9.93 25.99
CA GLY C 54 25.07 -10.98 25.04
C GLY C 54 26.20 -10.53 24.13
N ILE C 55 26.08 -9.32 23.59
CA ILE C 55 27.11 -8.78 22.71
C ILE C 55 28.43 -8.54 23.46
N LEU C 56 28.37 -7.96 24.65
CA LEU C 56 29.60 -7.71 25.39
C LEU C 56 30.32 -8.99 25.80
N SER C 57 29.57 -10.07 26.01
CA SER C 57 30.16 -11.34 26.43
C SER C 57 31.09 -11.90 25.33
N LEU C 58 31.02 -11.32 24.13
CA LEU C 58 31.85 -11.76 23.02
C LEU C 58 33.09 -10.88 22.84
N ARG C 59 33.27 -9.93 23.75
CA ARG C 59 34.41 -9.02 23.72
C ARG C 59 34.69 -8.45 22.33
N PRO C 60 33.67 -7.83 21.71
CA PRO C 60 33.83 -7.25 20.38
C PRO C 60 34.61 -5.94 20.40
N ASP C 61 35.25 -5.62 19.28
CA ASP C 61 35.99 -4.38 19.15
C ASP C 61 35.03 -3.42 18.43
N SER C 62 34.15 -4.00 17.63
CA SER C 62 33.18 -3.22 16.89
C SER C 62 31.89 -4.00 16.70
N VAL C 63 30.81 -3.26 16.50
CA VAL C 63 29.50 -3.84 16.27
C VAL C 63 28.96 -3.10 15.04
N ILE C 64 28.46 -3.86 14.08
CA ILE C 64 27.93 -3.26 12.86
C ILE C 64 26.47 -3.60 12.77
N THR C 65 25.64 -2.59 12.54
CA THR C 65 24.20 -2.84 12.45
C THR C 65 23.47 -1.71 11.73
N TRP C 66 22.16 -1.81 11.68
CA TRP C 66 21.36 -0.81 11.01
C TRP C 66 21.17 0.43 11.86
N GLN C 67 21.07 1.57 11.19
CA GLN C 67 20.90 2.86 11.84
C GLN C 67 19.71 2.84 12.80
N ASP C 68 18.67 2.07 12.48
CA ASP C 68 17.50 2.00 13.34
C ASP C 68 17.46 0.77 14.26
N ALA C 69 18.59 0.08 14.39
CA ALA C 69 18.62 -1.07 15.29
C ALA C 69 18.39 -0.50 16.70
N GLY C 70 17.99 -1.34 17.64
CA GLY C 70 17.75 -0.85 18.99
C GLY C 70 17.62 -1.97 20.02
N PRO C 71 17.32 -1.62 21.28
CA PRO C 71 17.10 -0.25 21.77
C PRO C 71 18.30 0.69 21.70
N GLN C 72 18.02 1.97 21.52
CA GLN C 72 19.08 2.96 21.42
C GLN C 72 20.02 2.94 22.60
N ILE C 73 19.46 2.74 23.80
CA ILE C 73 20.29 2.73 25.01
C ILE C 73 21.28 1.59 25.01
N VAL C 74 20.99 0.52 24.26
CA VAL C 74 21.95 -0.59 24.20
C VAL C 74 23.18 -0.10 23.43
N LEU C 75 22.94 0.66 22.35
CA LEU C 75 24.05 1.18 21.55
C LEU C 75 24.89 2.13 22.42
N ASP C 76 24.22 2.94 23.23
CA ASP C 76 24.92 3.87 24.12
C ASP C 76 25.82 3.05 25.06
N GLN C 77 25.26 1.99 25.66
CA GLN C 77 26.03 1.12 26.56
C GLN C 77 27.27 0.58 25.89
N LEU C 78 27.11 0.04 24.68
CA LEU C 78 28.24 -0.51 23.96
C LEU C 78 29.34 0.55 23.76
N ARG C 79 28.97 1.74 23.32
CA ARG C 79 29.98 2.77 23.11
C ARG C 79 30.66 3.14 24.42
N ALA C 80 29.88 3.18 25.50
CA ALA C 80 30.41 3.49 26.82
C ALA C 80 31.45 2.44 27.20
N GLN C 81 31.27 1.21 26.73
CA GLN C 81 32.22 0.15 27.04
C GLN C 81 33.35 0.17 26.02
N LYS C 82 33.42 1.26 25.26
CA LYS C 82 34.48 1.44 24.26
C LYS C 82 34.38 0.54 23.03
N VAL C 83 33.18 0.09 22.71
CA VAL C 83 33.01 -0.71 21.50
C VAL C 83 32.67 0.27 20.37
N ASN C 84 33.37 0.15 19.26
CA ASN C 84 33.11 1.02 18.10
C ASN C 84 31.80 0.56 17.46
N VAL C 85 30.80 1.42 17.46
CA VAL C 85 29.52 1.07 16.88
C VAL C 85 29.35 1.72 15.51
N VAL C 86 29.19 0.89 14.48
CA VAL C 86 29.02 1.35 13.09
C VAL C 86 27.59 1.05 12.65
N THR C 87 26.89 2.07 12.14
CA THR C 87 25.51 1.88 11.70
C THR C 87 25.30 2.36 10.28
N LEU C 88 24.50 1.60 9.53
CA LEU C 88 24.20 1.96 8.15
C LEU C 88 22.69 2.12 7.94
N PRO C 89 22.29 2.94 6.94
CA PRO C 89 20.87 3.14 6.68
C PRO C 89 20.29 1.95 5.90
N ARG C 90 19.20 1.36 6.40
CA ARG C 90 18.62 0.24 5.68
C ARG C 90 17.46 0.71 4.80
N VAL C 91 17.14 1.98 4.91
CA VAL C 91 16.08 2.62 4.13
C VAL C 91 16.78 3.74 3.35
N PRO C 92 16.47 3.89 2.05
CA PRO C 92 15.52 3.09 1.25
C PRO C 92 16.17 1.86 0.62
N ALA C 93 15.34 0.93 0.16
CA ALA C 93 15.81 -0.29 -0.48
C ALA C 93 16.10 -0.01 -1.95
N THR C 94 17.19 0.69 -2.21
CA THR C 94 17.58 1.01 -3.58
C THR C 94 18.98 0.47 -3.81
N LEU C 95 19.36 0.34 -5.08
CA LEU C 95 20.70 -0.13 -5.42
C LEU C 95 21.70 0.94 -5.01
N GLU C 96 21.35 2.20 -5.22
CA GLU C 96 22.26 3.28 -4.87
C GLU C 96 22.62 3.25 -3.39
N GLN C 97 21.67 2.94 -2.53
CA GLN C 97 21.95 2.92 -1.09
C GLN C 97 22.71 1.65 -0.70
N MET C 98 22.41 0.54 -1.38
CA MET C 98 23.09 -0.71 -1.09
C MET C 98 24.57 -0.56 -1.44
N TYR C 99 24.85 -0.01 -2.62
CA TYR C 99 26.22 0.20 -3.08
C TYR C 99 26.98 1.16 -2.16
N ALA C 100 26.30 2.18 -1.68
CA ALA C 100 26.93 3.14 -0.77
C ALA C 100 27.24 2.45 0.55
N ASN C 101 26.34 1.57 0.99
CA ASN C 101 26.56 0.85 2.23
C ASN C 101 27.73 -0.12 2.07
N ILE C 102 27.79 -0.81 0.93
CA ILE C 102 28.89 -1.73 0.69
C ILE C 102 30.22 -0.99 0.78
N ARG C 103 30.29 0.17 0.16
CA ARG C 103 31.51 0.97 0.18
C ARG C 103 31.85 1.54 1.56
N GLN C 104 30.83 1.86 2.35
CA GLN C 104 31.08 2.37 3.70
C GLN C 104 31.64 1.22 4.52
N LEU C 105 31.04 0.04 4.37
CA LEU C 105 31.48 -1.15 5.07
C LEU C 105 32.93 -1.49 4.68
N ALA C 106 33.17 -1.61 3.37
CA ALA C 106 34.48 -1.95 2.84
C ALA C 106 35.54 -0.97 3.32
N LYS C 107 35.14 0.28 3.46
CA LYS C 107 36.07 1.30 3.94
C LYS C 107 36.38 1.02 5.41
N THR C 108 35.34 0.95 6.22
CA THR C 108 35.49 0.69 7.65
C THR C 108 36.29 -0.59 7.93
N LEU C 109 36.14 -1.58 7.06
CA LEU C 109 36.83 -2.85 7.25
C LEU C 109 38.19 -2.92 6.56
N GLN C 110 38.55 -1.85 5.86
CA GLN C 110 39.84 -1.79 5.16
C GLN C 110 39.96 -2.82 4.03
N VAL C 111 38.90 -2.92 3.23
CA VAL C 111 38.87 -3.83 2.10
C VAL C 111 38.14 -3.13 0.95
N PRO C 112 38.51 -1.87 0.67
CA PRO C 112 37.89 -1.08 -0.40
C PRO C 112 37.86 -1.75 -1.77
N GLU C 113 38.96 -2.39 -2.15
CA GLU C 113 39.04 -3.04 -3.44
C GLU C 113 37.97 -4.12 -3.55
N GLN C 114 37.86 -4.97 -2.53
CA GLN C 114 36.86 -6.03 -2.55
C GLN C 114 35.45 -5.44 -2.60
N GLY C 115 35.26 -4.32 -1.91
CA GLY C 115 33.98 -3.66 -1.90
C GLY C 115 33.60 -3.26 -3.32
N ASP C 116 34.52 -2.62 -4.03
CA ASP C 116 34.26 -2.20 -5.40
C ASP C 116 34.02 -3.38 -6.34
N ALA C 117 34.74 -4.48 -6.11
CA ALA C 117 34.58 -5.66 -6.95
C ALA C 117 33.18 -6.27 -6.76
N LEU C 118 32.71 -6.26 -5.51
CA LEU C 118 31.39 -6.80 -5.20
C LEU C 118 30.29 -5.95 -5.87
N VAL C 119 30.44 -4.63 -5.83
CA VAL C 119 29.45 -3.75 -6.47
C VAL C 119 29.45 -4.02 -7.98
N THR C 120 30.65 -4.08 -8.55
CA THR C 120 30.78 -4.32 -9.99
C THR C 120 30.11 -5.64 -10.37
N GLN C 121 30.43 -6.71 -9.63
CA GLN C 121 29.84 -8.02 -9.90
C GLN C 121 28.32 -7.98 -9.92
N ILE C 122 27.73 -7.49 -8.84
CA ILE C 122 26.27 -7.40 -8.73
C ILE C 122 25.67 -6.58 -9.88
N ASN C 123 26.18 -5.36 -10.07
CA ASN C 123 25.66 -4.46 -11.10
C ASN C 123 25.65 -5.06 -12.51
N GLN C 124 26.79 -5.61 -12.96
CA GLN C 124 26.82 -6.19 -14.30
C GLN C 124 25.76 -7.26 -14.46
N ARG C 125 25.60 -8.10 -13.44
CA ARG C 125 24.60 -9.16 -13.44
C ARG C 125 23.20 -8.57 -13.62
N LEU C 126 22.87 -7.56 -12.82
CA LEU C 126 21.56 -6.94 -12.91
C LEU C 126 21.33 -6.22 -14.24
N GLU C 127 22.38 -5.62 -14.80
CA GLU C 127 22.26 -4.91 -16.07
C GLU C 127 21.89 -5.86 -17.20
N ARG C 128 22.43 -7.08 -17.14
CA ARG C 128 22.14 -8.07 -18.16
C ARG C 128 20.64 -8.33 -18.15
N VAL C 129 20.09 -8.52 -16.95
CA VAL C 129 18.67 -8.77 -16.80
C VAL C 129 17.82 -7.61 -17.33
N GLN C 130 18.20 -6.39 -16.97
CA GLN C 130 17.46 -5.22 -17.43
C GLN C 130 17.52 -5.11 -18.94
N GLN C 131 18.58 -5.65 -19.53
CA GLN C 131 18.73 -5.64 -20.97
C GLN C 131 17.65 -6.55 -21.55
N ASN C 132 17.53 -7.74 -20.99
CA ASN C 132 16.53 -8.71 -21.44
C ASN C 132 15.13 -8.14 -21.24
N VAL C 133 14.91 -7.50 -20.09
CA VAL C 133 13.61 -6.91 -19.78
C VAL C 133 13.27 -5.84 -20.82
N ALA C 134 14.18 -4.90 -21.00
CA ALA C 134 13.99 -3.81 -21.96
C ALA C 134 13.53 -4.37 -23.30
N ALA C 135 14.00 -5.58 -23.64
CA ALA C 135 13.63 -6.23 -24.89
C ALA C 135 12.11 -6.24 -25.03
N LYS C 136 11.44 -6.87 -24.07
CA LYS C 136 9.98 -6.94 -24.06
C LYS C 136 9.47 -5.50 -24.11
N LYS C 137 8.20 -5.31 -24.44
CA LYS C 137 7.67 -3.96 -24.51
C LYS C 137 6.74 -3.60 -23.35
N ALA C 138 6.54 -4.55 -22.43
CA ALA C 138 5.68 -4.32 -21.28
C ALA C 138 6.06 -5.22 -20.12
N PRO C 139 6.24 -4.65 -18.92
CA PRO C 139 6.60 -5.44 -17.74
C PRO C 139 5.39 -6.23 -17.24
N VAL C 140 5.64 -7.41 -16.69
CA VAL C 140 4.57 -8.26 -16.17
C VAL C 140 4.00 -7.65 -14.89
N LYS C 141 2.68 -7.49 -14.84
CA LYS C 141 2.04 -6.93 -13.65
C LYS C 141 2.09 -8.02 -12.59
N ALA C 142 2.67 -7.69 -11.43
CA ALA C 142 2.80 -8.67 -10.37
C ALA C 142 2.59 -8.11 -8.98
N MET C 143 2.56 -9.02 -8.01
CA MET C 143 2.36 -8.69 -6.61
C MET C 143 3.05 -9.74 -5.76
N PHE C 144 3.60 -9.31 -4.63
CA PHE C 144 4.28 -10.23 -3.72
C PHE C 144 3.54 -10.25 -2.39
N ILE C 145 3.23 -11.44 -1.89
CA ILE C 145 2.52 -11.60 -0.63
C ILE C 145 3.43 -12.31 0.37
N LEU C 146 3.55 -11.71 1.54
CA LEU C 146 4.42 -12.22 2.59
C LEU C 146 3.75 -12.34 3.95
N SER C 147 4.31 -13.22 4.76
CA SER C 147 3.89 -13.46 6.13
C SER C 147 5.19 -13.54 6.91
N ALA C 148 5.46 -12.56 7.74
CA ALA C 148 6.70 -12.55 8.53
C ALA C 148 6.46 -12.11 9.96
N GLY C 149 7.25 -12.64 10.88
CA GLY C 149 7.12 -12.29 12.28
C GLY C 149 5.76 -12.58 12.89
N GLY C 150 5.04 -13.54 12.32
CA GLY C 150 3.72 -13.88 12.85
C GLY C 150 2.62 -12.93 12.40
N SER C 151 2.85 -12.18 11.33
CA SER C 151 1.84 -11.25 10.84
C SER C 151 0.87 -11.96 9.89
N ALA C 152 -0.28 -11.31 9.65
CA ALA C 152 -1.25 -11.86 8.71
C ALA C 152 -0.62 -11.62 7.35
N PRO C 153 -1.14 -12.27 6.30
CA PRO C 153 -0.56 -12.07 4.97
C PRO C 153 -0.62 -10.59 4.57
N GLN C 154 0.50 -10.05 4.07
CA GLN C 154 0.54 -8.67 3.62
C GLN C 154 1.17 -8.51 2.23
N VAL C 155 0.66 -7.54 1.48
CA VAL C 155 1.14 -7.27 0.12
C VAL C 155 2.30 -6.26 0.16
N ALA C 156 3.35 -6.54 -0.59
CA ALA C 156 4.51 -5.65 -0.60
C ALA C 156 4.26 -4.41 -1.45
N GLY C 157 4.43 -3.24 -0.85
CA GLY C 157 4.23 -2.00 -1.57
C GLY C 157 5.55 -1.33 -1.89
N LYS C 158 5.46 -0.11 -2.40
CA LYS C 158 6.62 0.67 -2.76
C LYS C 158 7.53 0.88 -1.56
N GLY C 159 8.84 0.87 -1.80
CA GLY C 159 9.78 1.08 -0.72
C GLY C 159 10.31 -0.20 -0.11
N SER C 160 9.56 -1.29 -0.24
CA SER C 160 9.97 -2.57 0.34
C SER C 160 11.06 -3.21 -0.51
N VAL C 161 11.81 -4.12 0.09
CA VAL C 161 12.87 -4.82 -0.61
C VAL C 161 12.23 -5.67 -1.73
N ALA C 162 11.12 -6.32 -1.41
CA ALA C 162 10.43 -7.16 -2.39
C ALA C 162 10.07 -6.36 -3.64
N ASP C 163 9.61 -5.12 -3.43
CA ASP C 163 9.24 -4.26 -4.55
C ASP C 163 10.47 -3.97 -5.41
N ALA C 164 11.61 -3.72 -4.76
CA ALA C 164 12.84 -3.44 -5.49
C ALA C 164 13.29 -4.63 -6.33
N ILE C 165 13.05 -5.84 -5.82
CA ILE C 165 13.44 -7.06 -6.51
C ILE C 165 12.49 -7.42 -7.66
N LEU C 166 11.21 -7.11 -7.50
CA LEU C 166 10.24 -7.39 -8.56
C LEU C 166 10.57 -6.47 -9.73
N SER C 167 10.84 -5.21 -9.40
CA SER C 167 11.18 -4.20 -10.40
C SER C 167 12.45 -4.58 -11.18
N LEU C 168 13.50 -4.96 -10.46
CA LEU C 168 14.76 -5.35 -11.10
C LEU C 168 14.59 -6.57 -12.01
N ALA C 169 13.65 -7.44 -11.66
CA ALA C 169 13.41 -8.64 -12.45
C ALA C 169 12.56 -8.33 -13.68
N GLY C 170 11.99 -7.14 -13.73
CA GLY C 170 11.17 -6.76 -14.87
C GLY C 170 9.68 -6.82 -14.65
N ALA C 171 9.26 -6.83 -13.38
CA ALA C 171 7.84 -6.89 -13.09
C ALA C 171 7.33 -5.52 -12.67
N GLU C 172 6.05 -5.29 -12.87
CA GLU C 172 5.44 -4.04 -12.45
C GLU C 172 4.62 -4.36 -11.21
N ASN C 173 5.00 -3.78 -10.08
CA ASN C 173 4.27 -4.03 -8.83
C ASN C 173 2.93 -3.30 -8.89
N VAL C 174 1.83 -4.05 -8.86
CA VAL C 174 0.51 -3.45 -8.93
C VAL C 174 0.15 -2.69 -7.65
N ALA C 175 0.77 -3.05 -6.54
CA ALA C 175 0.51 -2.37 -5.27
C ALA C 175 1.00 -0.94 -5.38
N THR C 176 0.24 0.01 -4.84
CA THR C 176 0.61 1.42 -4.90
C THR C 176 0.82 2.04 -3.52
N HIS C 177 0.51 1.27 -2.49
CA HIS C 177 0.69 1.74 -1.12
C HIS C 177 2.17 1.63 -0.78
N GLN C 178 2.58 2.27 0.31
CA GLN C 178 3.97 2.20 0.75
C GLN C 178 4.16 1.01 1.69
N GLN C 179 5.26 0.29 1.52
CA GLN C 179 5.58 -0.88 2.35
C GLN C 179 4.49 -1.98 2.37
N TYR C 180 4.27 -2.60 3.53
CA TYR C 180 3.31 -3.70 3.66
C TYR C 180 1.92 -3.41 4.24
N LYS C 181 0.90 -3.97 3.60
CA LYS C 181 -0.47 -3.82 4.07
C LYS C 181 -1.29 -5.06 3.78
N SER C 182 -2.25 -5.31 4.67
CA SER C 182 -3.15 -6.44 4.53
C SER C 182 -4.24 -6.05 3.54
N TYR C 183 -4.46 -6.91 2.55
CA TYR C 183 -5.48 -6.71 1.52
C TYR C 183 -6.70 -7.56 1.78
N SER C 184 -7.88 -6.98 1.61
CA SER C 184 -9.12 -7.72 1.77
C SER C 184 -9.25 -8.54 0.48
N ALA C 185 -10.12 -9.53 0.49
CA ALA C 185 -10.34 -10.35 -0.69
C ALA C 185 -10.60 -9.43 -1.88
N GLU C 186 -11.47 -8.44 -1.65
CA GLU C 186 -11.85 -7.46 -2.67
C GLU C 186 -10.68 -6.70 -3.27
N SER C 187 -9.80 -6.18 -2.41
CA SER C 187 -8.63 -5.43 -2.88
C SER C 187 -7.66 -6.30 -3.65
N LEU C 188 -7.49 -7.54 -3.21
CA LEU C 188 -6.57 -8.47 -3.87
C LEU C 188 -7.07 -8.85 -5.26
N ILE C 189 -8.36 -9.17 -5.35
CA ILE C 189 -8.98 -9.54 -6.62
C ILE C 189 -8.96 -8.31 -7.57
N ALA C 190 -9.31 -7.14 -7.04
CA ALA C 190 -9.31 -5.90 -7.81
C ALA C 190 -7.93 -5.48 -8.34
N ALA C 191 -6.87 -5.76 -7.58
CA ALA C 191 -5.52 -5.40 -8.01
C ALA C 191 -5.21 -6.13 -9.33
N ASN C 192 -5.88 -7.25 -9.53
CA ASN C 192 -5.78 -8.05 -10.74
C ASN C 192 -4.39 -8.17 -11.39
N PRO C 193 -3.41 -8.75 -10.67
CA PRO C 193 -2.08 -8.90 -11.29
C PRO C 193 -2.09 -10.14 -12.18
N GLU C 194 -1.09 -10.25 -13.06
CA GLU C 194 -0.98 -11.41 -13.94
C GLU C 194 -0.32 -12.55 -13.19
N VAL C 195 0.60 -12.18 -12.30
CA VAL C 195 1.35 -13.15 -11.50
C VAL C 195 1.33 -12.73 -10.03
N ILE C 196 1.44 -13.71 -9.15
CA ILE C 196 1.49 -13.45 -7.71
C ILE C 196 2.68 -14.24 -7.17
N VAL C 197 3.59 -13.56 -6.49
CA VAL C 197 4.76 -14.22 -5.94
C VAL C 197 4.56 -14.39 -4.44
N VAL C 198 4.94 -15.58 -3.94
CA VAL C 198 4.85 -15.89 -2.53
C VAL C 198 6.14 -16.62 -2.18
N THR C 199 6.36 -16.90 -0.90
CA THR C 199 7.59 -17.58 -0.51
C THR C 199 7.45 -19.10 -0.52
N SER C 200 8.58 -19.80 -0.59
CA SER C 200 8.58 -21.25 -0.58
C SER C 200 8.19 -21.72 0.81
N GLN C 201 8.59 -20.94 1.81
CA GLN C 201 8.27 -21.26 3.20
C GLN C 201 6.77 -21.31 3.41
N MET C 202 6.04 -20.36 2.83
CA MET C 202 4.59 -20.31 2.98
C MET C 202 3.83 -21.41 2.24
N VAL C 203 4.37 -21.85 1.11
CA VAL C 203 3.73 -22.91 0.33
C VAL C 203 4.08 -24.27 0.93
N ASP C 204 5.33 -24.40 1.36
CA ASP C 204 5.86 -25.61 1.98
C ASP C 204 5.29 -26.91 1.40
N GLY C 205 5.38 -27.06 0.08
CA GLY C 205 4.92 -28.29 -0.55
C GLY C 205 3.45 -28.44 -0.89
N ASP C 206 2.59 -27.53 -0.43
CA ASP C 206 1.17 -27.64 -0.74
C ASP C 206 0.51 -26.29 -0.97
N ILE C 207 0.31 -25.97 -2.25
CA ILE C 207 -0.30 -24.71 -2.64
C ILE C 207 -1.65 -24.45 -1.96
N ASN C 208 -2.36 -25.50 -1.59
CA ASN C 208 -3.66 -25.32 -0.93
C ASN C 208 -3.54 -24.63 0.42
N ARG C 209 -2.33 -24.58 0.97
CA ARG C 209 -2.10 -23.91 2.25
C ARG C 209 -2.38 -22.41 2.10
N LEU C 210 -2.30 -21.92 0.86
CA LEU C 210 -2.53 -20.51 0.56
C LEU C 210 -4.00 -20.13 0.55
N ARG C 211 -4.87 -21.12 0.64
CA ARG C 211 -6.32 -20.91 0.62
C ARG C 211 -6.81 -19.95 1.69
N SER C 212 -6.02 -19.77 2.75
CA SER C 212 -6.41 -18.88 3.85
C SER C 212 -6.11 -17.40 3.62
N ILE C 213 -5.52 -17.09 2.47
CA ILE C 213 -5.22 -15.69 2.12
C ILE C 213 -6.46 -15.14 1.43
N ALA C 214 -7.10 -14.16 2.06
CA ALA C 214 -8.32 -13.58 1.52
C ALA C 214 -8.23 -13.22 0.04
N GLY C 215 -9.14 -13.81 -0.74
CA GLY C 215 -9.23 -13.52 -2.16
C GLY C 215 -8.28 -14.17 -3.15
N ILE C 216 -7.15 -14.70 -2.71
CA ILE C 216 -6.20 -15.26 -3.66
C ILE C 216 -6.77 -16.35 -4.58
N THR C 217 -7.74 -17.09 -4.06
CA THR C 217 -8.37 -18.16 -4.82
C THR C 217 -9.23 -17.66 -5.99
N HIS C 218 -9.58 -16.38 -5.96
CA HIS C 218 -10.40 -15.79 -7.02
C HIS C 218 -9.62 -14.86 -7.94
N THR C 219 -8.30 -14.86 -7.83
CA THR C 219 -7.48 -14.00 -8.66
C THR C 219 -7.21 -14.64 -10.02
N ALA C 220 -6.88 -13.82 -11.00
CA ALA C 220 -6.57 -14.31 -12.33
C ALA C 220 -5.30 -15.14 -12.24
N ALA C 221 -4.36 -14.71 -11.40
CA ALA C 221 -3.09 -15.40 -11.22
C ALA C 221 -3.26 -16.83 -10.70
N TRP C 222 -4.18 -17.01 -9.76
CA TRP C 222 -4.43 -18.34 -9.20
C TRP C 222 -5.10 -19.24 -10.24
N LYS C 223 -6.07 -18.71 -10.97
CA LYS C 223 -6.77 -19.49 -11.98
C LYS C 223 -5.83 -19.87 -13.14
N ASN C 224 -5.06 -18.91 -13.62
CA ASN C 224 -4.13 -19.15 -14.73
C ASN C 224 -2.87 -19.88 -14.25
N GLN C 225 -2.85 -20.23 -12.98
CA GLN C 225 -1.71 -20.93 -12.39
C GLN C 225 -0.41 -20.14 -12.56
N ARG C 226 -0.47 -18.83 -12.33
CA ARG C 226 0.69 -17.97 -12.43
C ARG C 226 1.15 -17.55 -11.04
N ILE C 227 1.43 -18.53 -10.20
CA ILE C 227 1.90 -18.27 -8.83
C ILE C 227 3.32 -18.77 -8.67
N ILE C 228 4.24 -17.83 -8.55
CA ILE C 228 5.66 -18.09 -8.42
C ILE C 228 6.11 -18.13 -6.96
N THR C 229 7.17 -18.89 -6.71
CA THR C 229 7.72 -19.07 -5.37
C THR C 229 9.16 -18.58 -5.28
N VAL C 230 9.49 -17.94 -4.16
CA VAL C 230 10.83 -17.44 -3.92
C VAL C 230 11.17 -17.71 -2.47
N ASP C 231 12.45 -17.91 -2.20
CA ASP C 231 12.88 -18.19 -0.83
C ASP C 231 12.79 -16.90 -0.02
N GLN C 232 11.99 -16.93 1.04
CA GLN C 232 11.79 -15.77 1.91
C GLN C 232 13.11 -15.12 2.33
N ASN C 233 14.11 -15.96 2.56
CA ASN C 233 15.42 -15.50 3.00
C ASN C 233 16.16 -14.59 2.01
N LEU C 234 15.63 -14.46 0.79
CA LEU C 234 16.27 -13.61 -0.22
C LEU C 234 15.46 -12.37 -0.58
N ILE C 235 14.32 -12.17 0.07
CA ILE C 235 13.48 -11.03 -0.24
C ILE C 235 13.21 -10.06 0.91
N LEU C 236 13.98 -10.18 1.98
CA LEU C 236 13.81 -9.29 3.13
C LEU C 236 15.02 -8.38 3.31
N GLY C 237 16.02 -8.55 2.47
CA GLY C 237 17.20 -7.72 2.55
C GLY C 237 17.93 -7.65 1.22
N MET C 238 18.73 -6.60 1.03
CA MET C 238 19.50 -6.46 -0.19
C MET C 238 20.92 -6.85 0.12
N GLY C 239 21.24 -8.11 -0.17
CA GLY C 239 22.57 -8.62 0.10
C GLY C 239 23.27 -9.07 -1.17
N PRO C 240 24.37 -9.84 -1.04
CA PRO C 240 25.18 -10.36 -2.14
C PRO C 240 24.44 -11.29 -3.10
N ARG C 241 23.36 -11.91 -2.62
CA ARG C 241 22.61 -12.84 -3.45
C ARG C 241 21.45 -12.22 -4.20
N ILE C 242 21.38 -10.89 -4.24
CA ILE C 242 20.27 -10.22 -4.92
C ILE C 242 20.22 -10.54 -6.41
N ALA C 243 21.37 -10.57 -7.08
CA ALA C 243 21.40 -10.88 -8.49
C ALA C 243 20.82 -12.27 -8.70
N ASP C 244 21.10 -13.18 -7.76
CA ASP C 244 20.61 -14.54 -7.87
C ASP C 244 19.09 -14.64 -7.86
N VAL C 245 18.46 -14.02 -6.86
CA VAL C 245 16.99 -14.08 -6.80
C VAL C 245 16.37 -13.29 -7.95
N VAL C 246 16.99 -12.19 -8.34
CA VAL C 246 16.47 -11.38 -9.45
C VAL C 246 16.45 -12.22 -10.74
N GLU C 247 17.57 -12.87 -11.03
CA GLU C 247 17.68 -13.70 -12.24
C GLU C 247 16.70 -14.86 -12.15
N SER C 248 16.62 -15.46 -10.97
CA SER C 248 15.71 -16.58 -10.74
C SER C 248 14.27 -16.16 -11.01
N LEU C 249 13.88 -15.02 -10.45
CA LEU C 249 12.53 -14.51 -10.62
C LEU C 249 12.25 -14.09 -12.06
N HIS C 250 13.22 -13.43 -12.67
CA HIS C 250 13.08 -12.99 -14.05
C HIS C 250 12.73 -14.20 -14.94
N GLN C 251 13.34 -15.33 -14.64
CA GLN C 251 13.11 -16.57 -15.40
C GLN C 251 11.65 -17.04 -15.31
N GLN C 252 11.08 -16.93 -14.12
CA GLN C 252 9.71 -17.38 -13.90
C GLN C 252 8.66 -16.41 -14.44
N LEU C 253 9.01 -15.13 -14.55
CA LEU C 253 8.09 -14.14 -15.07
C LEU C 253 7.97 -14.30 -16.59
N TRP C 254 9.02 -14.86 -17.18
CA TRP C 254 9.07 -15.10 -18.63
C TRP C 254 9.71 -16.48 -18.84
N PRO C 255 8.96 -17.55 -18.54
CA PRO C 255 9.41 -18.94 -18.68
C PRO C 255 9.90 -19.26 -20.09
N GLN C 256 11.06 -19.92 -20.18
CA GLN C 256 11.64 -20.29 -21.46
C GLN C 256 12.02 -19.05 -22.25
N ALA D 2 -10.85 18.18 18.45
CA ALA D 2 -11.88 18.00 17.39
C ALA D 2 -12.14 16.51 17.15
N GLU D 3 -13.39 16.10 17.30
CA GLU D 3 -13.76 14.71 17.10
C GLU D 3 -14.09 14.47 15.64
N ARG D 4 -14.81 15.42 15.03
CA ARG D 4 -15.18 15.33 13.62
C ARG D 4 -14.35 16.35 12.86
N ILE D 5 -13.58 15.88 11.89
CA ILE D 5 -12.73 16.77 11.12
C ILE D 5 -12.78 16.53 9.62
N VAL D 6 -12.92 17.62 8.88
CA VAL D 6 -12.94 17.58 7.43
C VAL D 6 -11.65 18.21 6.97
N VAL D 7 -10.96 17.55 6.03
CA VAL D 7 -9.69 18.06 5.54
C VAL D 7 -9.72 18.29 4.03
N ALA D 8 -9.29 19.48 3.61
CA ALA D 8 -9.25 19.80 2.18
C ALA D 8 -7.80 20.00 1.78
N GLY D 9 -7.22 18.96 1.19
CA GLY D 9 -5.84 19.01 0.76
C GLY D 9 -5.20 17.66 0.99
N GLY D 10 -4.99 16.92 -0.09
CA GLY D 10 -4.40 15.59 0.01
C GLY D 10 -3.25 15.57 1.00
N SER D 11 -2.27 16.42 0.76
CA SER D 11 -1.09 16.55 1.62
C SER D 11 -1.46 16.62 3.09
N LEU D 12 -2.44 17.44 3.41
CA LEU D 12 -2.88 17.60 4.79
C LEU D 12 -3.46 16.32 5.36
N THR D 13 -4.32 15.65 4.58
CA THR D 13 -4.95 14.42 5.00
C THR D 13 -3.88 13.35 5.29
N GLU D 14 -2.89 13.23 4.40
CA GLU D 14 -1.82 12.27 4.57
C GLU D 14 -1.02 12.57 5.86
N LEU D 15 -0.73 13.85 6.10
CA LEU D 15 0.01 14.23 7.29
C LEU D 15 -0.77 13.87 8.55
N ILE D 16 -2.08 14.13 8.52
CA ILE D 16 -2.94 13.82 9.66
C ILE D 16 -2.94 12.34 10.00
N TYR D 17 -3.09 11.48 8.99
CA TYR D 17 -3.08 10.05 9.24
C TYR D 17 -1.72 9.58 9.74
N ALA D 18 -0.67 9.93 9.00
CA ALA D 18 0.68 9.54 9.36
C ALA D 18 1.02 10.03 10.78
N MET D 19 0.24 10.99 11.27
CA MET D 19 0.45 11.55 12.60
C MET D 19 -0.41 10.85 13.66
N GLY D 20 -1.19 9.86 13.23
CA GLY D 20 -2.04 9.11 14.14
C GLY D 20 -3.41 9.67 14.47
N ALA D 21 -3.76 10.82 13.91
CA ALA D 21 -5.07 11.42 14.19
C ALA D 21 -6.08 11.24 13.06
N GLY D 22 -5.81 10.33 12.13
CA GLY D 22 -6.72 10.10 11.03
C GLY D 22 -8.07 9.61 11.53
N GLU D 23 -8.12 9.39 12.84
CA GLU D 23 -9.32 8.91 13.53
C GLU D 23 -10.48 9.91 13.44
N ARG D 24 -10.14 11.18 13.59
CA ARG D 24 -11.13 12.26 13.58
C ARG D 24 -11.54 12.75 12.18
N VAL D 25 -11.07 12.05 11.15
CA VAL D 25 -11.38 12.41 9.77
C VAL D 25 -12.69 11.78 9.30
N VAL D 26 -13.63 12.64 8.90
CA VAL D 26 -14.95 12.22 8.43
C VAL D 26 -15.25 12.71 7.02
N GLY D 27 -14.37 13.55 6.49
CA GLY D 27 -14.56 14.07 5.14
C GLY D 27 -13.25 14.56 4.60
N VAL D 28 -13.08 14.50 3.28
CA VAL D 28 -11.85 14.95 2.63
C VAL D 28 -12.17 15.58 1.28
N ASP D 29 -11.25 16.37 0.75
CA ASP D 29 -11.48 17.01 -0.53
C ASP D 29 -11.14 16.09 -1.70
N GLU D 30 -11.45 16.55 -2.90
CA GLU D 30 -11.22 15.80 -4.14
C GLU D 30 -9.77 15.38 -4.33
N THR D 31 -8.84 16.21 -3.86
CA THR D 31 -7.43 15.90 -4.02
C THR D 31 -6.95 14.78 -3.11
N THR D 32 -7.81 14.33 -2.20
CA THR D 32 -7.45 13.26 -1.28
C THR D 32 -7.61 11.87 -1.90
N SER D 33 -6.51 11.14 -2.02
CA SER D 33 -6.54 9.80 -2.58
C SER D 33 -5.63 8.85 -1.79
N TYR D 34 -5.14 9.32 -0.65
CA TYR D 34 -4.27 8.52 0.22
C TYR D 34 -4.42 9.11 1.63
N PRO D 35 -4.41 8.26 2.67
CA PRO D 35 -4.29 6.80 2.70
C PRO D 35 -5.50 6.07 2.08
N PRO D 36 -5.38 4.74 1.86
CA PRO D 36 -6.44 3.93 1.28
C PRO D 36 -7.79 4.01 2.03
N GLU D 37 -7.73 4.13 3.35
CA GLU D 37 -8.94 4.20 4.16
C GLU D 37 -9.74 5.50 3.99
N THR D 38 -9.26 6.41 3.15
CA THR D 38 -9.99 7.66 2.95
C THR D 38 -10.91 7.54 1.74
N ALA D 39 -10.76 6.46 0.97
CA ALA D 39 -11.58 6.26 -0.22
C ALA D 39 -13.04 6.02 0.13
N LYS D 40 -13.29 5.48 1.32
CA LYS D 40 -14.66 5.21 1.73
C LYS D 40 -15.31 6.43 2.36
N LEU D 41 -14.52 7.48 2.55
CA LEU D 41 -15.02 8.72 3.15
C LEU D 41 -15.68 9.66 2.15
N PRO D 42 -16.64 10.46 2.61
CA PRO D 42 -17.35 11.43 1.77
C PRO D 42 -16.36 12.48 1.27
N HIS D 43 -16.39 12.78 -0.02
CA HIS D 43 -15.50 13.79 -0.59
C HIS D 43 -16.31 15.05 -0.87
N ILE D 44 -15.65 16.21 -0.82
CA ILE D 44 -16.37 17.47 -1.03
C ILE D 44 -15.83 18.47 -2.05
N GLY D 45 -15.27 17.99 -3.15
CA GLY D 45 -14.77 18.88 -4.18
C GLY D 45 -13.40 19.50 -3.97
N TYR D 46 -12.81 19.96 -5.07
CA TYR D 46 -11.48 20.58 -5.06
C TYR D 46 -11.39 21.62 -3.94
N TRP D 47 -10.19 21.83 -3.40
CA TRP D 47 -10.02 22.78 -2.30
C TRP D 47 -10.24 24.22 -2.76
N LYS D 48 -10.05 24.47 -4.05
CA LYS D 48 -10.25 25.80 -4.60
C LYS D 48 -11.70 25.94 -5.08
N GLN D 49 -12.42 24.83 -5.08
CA GLN D 49 -13.82 24.80 -5.50
C GLN D 49 -14.65 24.21 -4.36
N LEU D 50 -14.22 24.47 -3.13
CA LEU D 50 -14.91 23.95 -1.95
C LEU D 50 -16.39 24.31 -1.93
N SER D 51 -17.21 23.37 -1.47
CA SER D 51 -18.65 23.59 -1.40
C SER D 51 -19.16 23.58 0.04
N SER D 52 -19.80 24.67 0.43
CA SER D 52 -20.35 24.81 1.78
C SER D 52 -21.32 23.68 2.14
N GLU D 53 -22.25 23.40 1.23
CA GLU D 53 -23.25 22.34 1.42
C GLU D 53 -22.60 21.01 1.80
N GLY D 54 -21.66 20.57 0.97
CA GLY D 54 -20.99 19.31 1.23
C GLY D 54 -20.30 19.23 2.58
N ILE D 55 -19.64 20.31 2.98
CA ILE D 55 -18.92 20.36 4.26
C ILE D 55 -19.87 20.38 5.45
N LEU D 56 -20.76 21.35 5.46
CA LEU D 56 -21.73 21.52 6.54
C LEU D 56 -22.57 20.26 6.80
N SER D 57 -22.79 19.47 5.75
CA SER D 57 -23.58 18.25 5.87
C SER D 57 -22.96 17.20 6.79
N LEU D 58 -21.63 17.19 6.86
CA LEU D 58 -20.91 16.23 7.69
C LEU D 58 -20.76 16.69 9.14
N ARG D 59 -21.50 17.75 9.50
CA ARG D 59 -21.44 18.31 10.85
C ARG D 59 -20.03 18.29 11.45
N PRO D 60 -19.07 18.98 10.80
CA PRO D 60 -17.70 19.03 11.29
C PRO D 60 -17.49 20.16 12.28
N ASP D 61 -16.80 19.88 13.38
CA ASP D 61 -16.53 20.90 14.39
C ASP D 61 -15.22 21.59 14.06
N SER D 62 -14.43 20.97 13.19
CA SER D 62 -13.14 21.52 12.79
C SER D 62 -12.88 21.27 11.29
N VAL D 63 -12.30 22.27 10.63
CA VAL D 63 -11.97 22.16 9.22
C VAL D 63 -10.52 22.58 9.04
N ILE D 64 -9.77 21.82 8.25
CA ILE D 64 -8.36 22.11 8.01
C ILE D 64 -8.09 22.20 6.51
N THR D 65 -7.54 23.33 6.06
CA THR D 65 -7.26 23.52 4.65
C THR D 65 -6.17 24.58 4.41
N TRP D 66 -5.81 24.76 3.14
CA TRP D 66 -4.81 25.73 2.73
C TRP D 66 -5.41 27.14 2.79
N GLN D 67 -4.56 28.16 2.84
CA GLN D 67 -5.02 29.53 2.88
C GLN D 67 -5.50 29.96 1.50
N ASP D 68 -4.84 29.42 0.47
CA ASP D 68 -5.19 29.72 -0.91
C ASP D 68 -6.30 28.79 -1.39
N ALA D 69 -7.23 28.48 -0.49
CA ALA D 69 -8.36 27.60 -0.80
C ALA D 69 -9.69 28.29 -0.55
N GLY D 70 -10.61 28.14 -1.50
CA GLY D 70 -11.92 28.77 -1.35
C GLY D 70 -13.00 28.13 -2.22
N PRO D 71 -13.99 28.91 -2.67
CA PRO D 71 -14.18 30.35 -2.44
C PRO D 71 -14.22 30.75 -0.96
N GLN D 72 -13.96 32.03 -0.69
CA GLN D 72 -13.97 32.53 0.68
C GLN D 72 -15.36 32.46 1.30
N ILE D 73 -16.37 32.91 0.57
CA ILE D 73 -17.74 32.89 1.06
C ILE D 73 -17.98 31.55 1.74
N VAL D 74 -17.45 30.50 1.13
CA VAL D 74 -17.58 29.14 1.66
C VAL D 74 -17.02 29.12 3.07
N LEU D 75 -15.78 29.57 3.21
CA LEU D 75 -15.09 29.63 4.49
C LEU D 75 -15.86 30.49 5.49
N ASP D 76 -16.44 31.58 5.00
CA ASP D 76 -17.18 32.48 5.85
C ASP D 76 -18.38 31.80 6.51
N GLN D 77 -19.23 31.16 5.71
CA GLN D 77 -20.39 30.46 6.24
C GLN D 77 -19.96 29.45 7.30
N LEU D 78 -18.94 28.66 6.98
CA LEU D 78 -18.44 27.65 7.90
C LEU D 78 -18.18 28.31 9.25
N ARG D 79 -17.30 29.31 9.25
CA ARG D 79 -16.97 30.02 10.48
C ARG D 79 -18.24 30.66 11.02
N ALA D 80 -19.10 31.10 10.11
CA ALA D 80 -20.36 31.74 10.48
C ALA D 80 -21.21 30.74 11.27
N GLN D 81 -20.90 29.46 11.10
CA GLN D 81 -21.61 28.40 11.80
C GLN D 81 -20.82 28.01 13.04
N LYS D 82 -19.95 28.90 13.47
CA LYS D 82 -19.12 28.67 14.65
C LYS D 82 -18.18 27.49 14.43
N VAL D 83 -17.98 27.12 13.17
CA VAL D 83 -17.12 26.01 12.82
C VAL D 83 -15.64 26.37 12.90
N ASN D 84 -14.94 25.79 13.87
CA ASN D 84 -13.52 26.04 14.07
C ASN D 84 -12.77 25.67 12.79
N VAL D 85 -12.17 26.67 12.15
CA VAL D 85 -11.41 26.43 10.93
C VAL D 85 -9.92 26.61 11.20
N VAL D 86 -9.10 26.00 10.36
CA VAL D 86 -7.64 26.09 10.49
C VAL D 86 -7.03 26.12 9.09
N THR D 87 -6.35 27.22 8.78
CA THR D 87 -5.72 27.38 7.48
C THR D 87 -4.21 27.32 7.60
N LEU D 88 -3.55 26.82 6.55
CA LEU D 88 -2.09 26.71 6.56
C LEU D 88 -1.48 27.22 5.27
N PRO D 89 -0.33 27.91 5.37
CA PRO D 89 0.34 28.44 4.17
C PRO D 89 0.80 27.27 3.30
N ARG D 90 0.46 27.31 2.01
CA ARG D 90 0.83 26.23 1.11
C ARG D 90 2.08 26.52 0.29
N VAL D 91 2.21 27.76 -0.17
CA VAL D 91 3.36 28.14 -0.99
C VAL D 91 3.91 29.52 -0.63
N PRO D 92 5.18 29.79 -0.99
CA PRO D 92 6.06 28.85 -1.72
C PRO D 92 6.33 27.57 -0.92
N ALA D 93 6.40 26.45 -1.62
CA ALA D 93 6.62 25.15 -0.99
C ALA D 93 8.08 24.93 -0.57
N THR D 94 8.32 24.89 0.73
CA THR D 94 9.67 24.66 1.25
C THR D 94 9.61 23.67 2.39
N LEU D 95 10.72 23.00 2.66
CA LEU D 95 10.76 22.04 3.77
C LEU D 95 10.44 22.74 5.07
N GLU D 96 10.98 23.95 5.24
CA GLU D 96 10.74 24.70 6.47
C GLU D 96 9.26 24.92 6.68
N GLN D 97 8.55 25.27 5.62
CA GLN D 97 7.11 25.50 5.73
C GLN D 97 6.40 24.20 6.02
N MET D 98 6.85 23.11 5.38
CA MET D 98 6.25 21.81 5.61
C MET D 98 6.46 21.40 7.07
N TYR D 99 7.67 21.61 7.57
CA TYR D 99 7.96 21.26 8.96
C TYR D 99 7.08 22.10 9.87
N ALA D 100 6.95 23.38 9.57
CA ALA D 100 6.12 24.27 10.39
C ALA D 100 4.66 23.82 10.35
N ASN D 101 4.17 23.41 9.19
CA ASN D 101 2.79 22.97 9.09
C ASN D 101 2.58 21.68 9.88
N ILE D 102 3.55 20.76 9.79
CA ILE D 102 3.43 19.50 10.53
C ILE D 102 3.31 19.78 12.02
N ARG D 103 4.12 20.73 12.49
CA ARG D 103 4.08 21.08 13.90
C ARG D 103 2.79 21.79 14.25
N GLN D 104 2.35 22.71 13.39
CA GLN D 104 1.10 23.42 13.64
C GLN D 104 -0.03 22.38 13.71
N LEU D 105 -0.04 21.47 12.74
CA LEU D 105 -1.04 20.40 12.69
C LEU D 105 -0.98 19.56 13.96
N ALA D 106 0.22 19.09 14.28
CA ALA D 106 0.43 18.26 15.47
C ALA D 106 -0.07 18.96 16.72
N LYS D 107 0.05 20.28 16.75
CA LYS D 107 -0.40 21.04 17.91
C LYS D 107 -1.93 21.05 17.95
N THR D 108 -2.54 21.50 16.87
CA THR D 108 -3.99 21.55 16.78
C THR D 108 -4.61 20.19 17.11
N LEU D 109 -3.95 19.11 16.71
CA LEU D 109 -4.46 17.77 16.95
C LEU D 109 -3.89 17.09 18.20
N GLN D 110 -3.23 17.87 19.04
CA GLN D 110 -2.65 17.37 20.28
C GLN D 110 -1.83 16.09 20.16
N VAL D 111 -0.97 16.03 19.15
CA VAL D 111 -0.11 14.87 18.95
C VAL D 111 1.29 15.39 18.58
N PRO D 112 1.87 16.25 19.44
CA PRO D 112 3.19 16.88 19.30
C PRO D 112 4.37 15.96 19.04
N GLU D 113 4.52 14.94 19.87
CA GLU D 113 5.63 14.02 19.71
C GLU D 113 5.56 13.27 18.39
N GLN D 114 4.35 12.94 17.96
CA GLN D 114 4.17 12.24 16.70
C GLN D 114 4.61 13.18 15.57
N GLY D 115 4.27 14.45 15.71
CA GLY D 115 4.65 15.43 14.71
C GLY D 115 6.16 15.58 14.65
N ASP D 116 6.79 15.63 15.83
CA ASP D 116 8.23 15.78 15.90
C ASP D 116 8.94 14.59 15.27
N ALA D 117 8.41 13.40 15.51
CA ALA D 117 9.00 12.18 14.98
C ALA D 117 8.90 12.15 13.46
N LEU D 118 7.82 12.68 12.91
CA LEU D 118 7.63 12.71 11.46
C LEU D 118 8.68 13.62 10.80
N VAL D 119 8.87 14.80 11.39
CA VAL D 119 9.83 15.74 10.87
C VAL D 119 11.21 15.10 10.86
N THR D 120 11.54 14.49 12.00
CA THR D 120 12.83 13.82 12.17
C THR D 120 13.08 12.78 11.09
N GLN D 121 12.14 11.86 10.91
CA GLN D 121 12.33 10.82 9.90
C GLN D 121 12.40 11.34 8.47
N ILE D 122 11.59 12.33 8.14
CA ILE D 122 11.62 12.91 6.79
C ILE D 122 12.96 13.56 6.49
N ASN D 123 13.38 14.47 7.38
CA ASN D 123 14.64 15.18 7.22
C ASN D 123 15.85 14.25 7.07
N GLN D 124 15.86 13.20 7.88
CA GLN D 124 16.94 12.23 7.88
C GLN D 124 17.12 11.56 6.51
N ARG D 125 16.01 11.20 5.87
CA ARG D 125 16.06 10.57 4.55
C ARG D 125 16.44 11.60 3.49
N LEU D 126 15.87 12.80 3.59
CA LEU D 126 16.13 13.86 2.64
C LEU D 126 17.61 14.27 2.68
N GLU D 127 18.19 14.25 3.88
CA GLU D 127 19.59 14.60 4.01
C GLU D 127 20.46 13.54 3.35
N ARG D 128 20.05 12.27 3.48
CA ARG D 128 20.79 11.16 2.88
C ARG D 128 20.89 11.38 1.38
N VAL D 129 19.78 11.73 0.77
CA VAL D 129 19.74 11.98 -0.67
C VAL D 129 20.66 13.15 -0.99
N GLN D 130 20.64 14.16 -0.11
CA GLN D 130 21.49 15.33 -0.32
C GLN D 130 22.96 14.95 -0.40
N GLN D 131 23.43 14.16 0.56
CA GLN D 131 24.82 13.72 0.58
C GLN D 131 25.07 12.86 -0.65
N ASN D 132 24.09 12.01 -0.97
CA ASN D 132 24.20 11.15 -2.15
C ASN D 132 24.24 12.01 -3.39
N VAL D 133 23.41 13.05 -3.43
CA VAL D 133 23.38 13.97 -4.57
C VAL D 133 24.77 14.55 -4.77
N ALA D 134 25.37 15.00 -3.68
CA ALA D 134 26.70 15.59 -3.72
C ALA D 134 27.72 14.61 -4.29
N ALA D 135 27.45 13.31 -4.10
CA ALA D 135 28.34 12.26 -4.58
C ALA D 135 28.30 12.12 -6.10
N LYS D 136 27.29 12.72 -6.73
CA LYS D 136 27.15 12.66 -8.18
C LYS D 136 28.09 13.67 -8.84
N LYS D 137 28.40 13.45 -10.11
CA LYS D 137 29.29 14.35 -10.84
C LYS D 137 28.58 15.04 -12.01
N ALA D 138 27.26 15.12 -11.92
CA ALA D 138 26.44 15.76 -12.96
C ALA D 138 25.33 16.57 -12.30
N PRO D 139 25.17 17.84 -12.71
CA PRO D 139 24.12 18.71 -12.14
C PRO D 139 22.70 18.38 -12.64
N VAL D 140 22.61 17.94 -13.89
CA VAL D 140 21.33 17.57 -14.52
C VAL D 140 20.25 18.66 -14.54
N LYS D 141 19.99 19.17 -15.73
CA LYS D 141 18.99 20.22 -15.97
C LYS D 141 17.63 19.55 -16.23
N ALA D 142 16.64 19.82 -15.39
CA ALA D 142 15.34 19.19 -15.58
C ALA D 142 14.16 20.14 -15.62
N MET D 143 13.03 19.58 -16.02
CA MET D 143 11.77 20.30 -16.12
C MET D 143 10.65 19.34 -15.78
N PHE D 144 9.54 19.88 -15.28
CA PHE D 144 8.38 19.07 -14.95
C PHE D 144 7.16 19.67 -15.64
N ILE D 145 6.44 18.85 -16.40
CA ILE D 145 5.25 19.33 -17.11
C ILE D 145 4.03 18.63 -16.54
N LEU D 146 3.00 19.42 -16.24
CA LEU D 146 1.77 18.92 -15.65
C LEU D 146 0.50 19.30 -16.39
N SER D 147 -0.47 18.39 -16.37
CA SER D 147 -1.79 18.61 -16.95
C SER D 147 -2.71 18.31 -15.75
N ALA D 148 -3.35 19.34 -15.21
CA ALA D 148 -4.22 19.13 -14.06
C ALA D 148 -5.52 19.91 -14.14
N GLY D 149 -6.62 19.21 -13.89
CA GLY D 149 -7.92 19.85 -13.93
C GLY D 149 -8.34 20.37 -15.30
N GLY D 150 -8.36 19.50 -16.30
CA GLY D 150 -8.74 19.92 -17.64
C GLY D 150 -7.87 21.01 -18.23
N SER D 151 -6.76 21.30 -17.55
CA SER D 151 -5.84 22.33 -18.00
C SER D 151 -4.92 21.95 -19.15
N ALA D 152 -4.39 22.96 -19.83
CA ALA D 152 -3.44 22.75 -20.92
C ALA D 152 -2.12 22.38 -20.24
N PRO D 153 -1.20 21.74 -20.96
CA PRO D 153 0.09 21.36 -20.36
C PRO D 153 0.82 22.58 -19.80
N GLN D 154 1.33 22.48 -18.58
CA GLN D 154 2.04 23.63 -17.99
C GLN D 154 3.33 23.23 -17.30
N VAL D 155 4.32 24.12 -17.37
CA VAL D 155 5.62 23.88 -16.77
C VAL D 155 5.68 24.37 -15.32
N ALA D 156 6.25 23.54 -14.45
CA ALA D 156 6.38 23.86 -13.03
C ALA D 156 7.53 24.84 -12.80
N GLY D 157 7.22 25.98 -12.19
CA GLY D 157 8.25 26.96 -11.93
C GLY D 157 8.51 27.18 -10.44
N LYS D 158 9.20 28.27 -10.13
CA LYS D 158 9.54 28.60 -8.76
C LYS D 158 8.33 28.70 -7.83
N GLY D 159 8.47 28.10 -6.64
CA GLY D 159 7.42 28.13 -5.66
C GLY D 159 6.50 26.93 -5.73
N SER D 160 6.52 26.23 -6.86
CA SER D 160 5.67 25.07 -7.02
C SER D 160 6.21 23.90 -6.19
N VAL D 161 5.32 22.96 -5.86
CA VAL D 161 5.71 21.80 -5.09
C VAL D 161 6.63 20.94 -5.94
N ALA D 162 6.31 20.85 -7.24
CA ALA D 162 7.12 20.07 -8.15
C ALA D 162 8.56 20.59 -8.17
N ASP D 163 8.71 21.90 -8.24
CA ASP D 163 10.04 22.49 -8.26
C ASP D 163 10.81 22.16 -6.97
N ALA D 164 10.13 22.17 -5.82
CA ALA D 164 10.80 21.85 -4.57
C ALA D 164 11.31 20.41 -4.58
N ILE D 165 10.45 19.50 -5.02
CA ILE D 165 10.77 18.08 -5.11
C ILE D 165 11.92 17.83 -6.09
N LEU D 166 11.87 18.47 -7.25
CA LEU D 166 12.94 18.32 -8.24
C LEU D 166 14.28 18.75 -7.65
N SER D 167 14.27 19.85 -6.92
CA SER D 167 15.50 20.37 -6.30
C SER D 167 16.01 19.45 -5.20
N LEU D 168 15.10 18.91 -4.39
CA LEU D 168 15.49 18.00 -3.32
C LEU D 168 16.11 16.73 -3.88
N ALA D 169 15.65 16.31 -5.07
CA ALA D 169 16.16 15.11 -5.72
C ALA D 169 17.51 15.35 -6.36
N GLY D 170 17.93 16.62 -6.38
CA GLY D 170 19.23 16.94 -6.94
C GLY D 170 19.26 17.62 -8.30
N ALA D 171 18.11 17.72 -8.96
CA ALA D 171 18.07 18.35 -10.27
C ALA D 171 17.92 19.85 -10.22
N GLU D 172 18.37 20.53 -11.28
CA GLU D 172 18.25 21.98 -11.39
C GLU D 172 17.05 22.27 -12.31
N ASN D 173 16.09 23.04 -11.82
CA ASN D 173 14.90 23.39 -12.61
C ASN D 173 15.28 24.48 -13.61
N VAL D 174 15.12 24.20 -14.91
CA VAL D 174 15.45 25.18 -15.94
C VAL D 174 14.40 26.26 -16.06
N ALA D 175 13.25 26.06 -15.44
CA ALA D 175 12.18 27.06 -15.50
C ALA D 175 12.35 28.04 -14.36
N THR D 176 12.37 29.33 -14.68
CA THR D 176 12.55 30.37 -13.67
C THR D 176 11.33 31.26 -13.45
N HIS D 177 10.24 31.00 -14.17
CA HIS D 177 9.02 31.77 -14.00
C HIS D 177 8.38 31.34 -12.69
N GLN D 178 7.32 32.01 -12.28
CA GLN D 178 6.62 31.67 -11.03
C GLN D 178 5.49 30.69 -11.22
N GLN D 179 5.43 29.70 -10.33
CA GLN D 179 4.38 28.68 -10.34
C GLN D 179 4.20 27.97 -11.69
N TYR D 180 2.96 27.82 -12.15
CA TYR D 180 2.72 27.11 -13.42
C TYR D 180 2.33 28.01 -14.60
N LYS D 181 2.97 27.76 -15.75
CA LYS D 181 2.69 28.51 -16.97
C LYS D 181 2.80 27.66 -18.23
N SER D 182 1.95 27.98 -19.23
CA SER D 182 1.96 27.26 -20.50
C SER D 182 3.13 27.75 -21.35
N TYR D 183 3.94 26.81 -21.84
CA TYR D 183 5.08 27.15 -22.69
C TYR D 183 4.77 26.87 -24.16
N SER D 184 5.16 27.78 -25.04
CA SER D 184 4.97 27.55 -26.46
C SER D 184 6.11 26.61 -26.83
N ALA D 185 6.12 26.09 -28.06
CA ALA D 185 7.16 25.18 -28.51
C ALA D 185 8.56 25.81 -28.36
N GLU D 186 8.70 27.03 -28.87
CA GLU D 186 9.96 27.77 -28.82
C GLU D 186 10.46 27.97 -27.39
N SER D 187 9.56 28.31 -26.48
CA SER D 187 9.96 28.51 -25.09
C SER D 187 10.47 27.22 -24.49
N LEU D 188 9.83 26.10 -24.83
CA LEU D 188 10.27 24.81 -24.30
C LEU D 188 11.65 24.46 -24.85
N ILE D 189 11.89 24.83 -26.10
CA ILE D 189 13.18 24.59 -26.74
C ILE D 189 14.21 25.56 -26.14
N ALA D 190 13.76 26.77 -25.84
CA ALA D 190 14.66 27.76 -25.24
C ALA D 190 15.11 27.24 -23.87
N ALA D 191 14.18 26.63 -23.15
CA ALA D 191 14.45 26.08 -21.82
C ALA D 191 15.54 25.02 -21.90
N ASN D 192 15.49 24.23 -22.96
CA ASN D 192 16.49 23.21 -23.24
C ASN D 192 16.80 22.21 -22.12
N PRO D 193 15.77 21.52 -21.60
CA PRO D 193 16.03 20.55 -20.52
C PRO D 193 16.67 19.26 -21.03
N GLU D 194 17.55 18.68 -20.22
CA GLU D 194 18.20 17.42 -20.56
C GLU D 194 17.26 16.28 -20.18
N VAL D 195 16.43 16.54 -19.17
CA VAL D 195 15.46 15.56 -18.69
C VAL D 195 14.11 16.24 -18.47
N ILE D 196 13.05 15.53 -18.82
CA ILE D 196 11.71 16.05 -18.59
C ILE D 196 10.92 15.07 -17.74
N VAL D 197 10.26 15.59 -16.73
CA VAL D 197 9.44 14.77 -15.85
C VAL D 197 7.97 15.09 -16.09
N VAL D 198 7.19 14.04 -16.33
CA VAL D 198 5.75 14.16 -16.55
C VAL D 198 5.07 13.20 -15.58
N THR D 199 3.75 13.20 -15.54
CA THR D 199 3.04 12.31 -14.64
C THR D 199 2.66 11.00 -15.32
N SER D 200 2.38 9.99 -14.50
CA SER D 200 1.99 8.67 -15.00
C SER D 200 0.66 8.82 -15.73
N GLN D 201 -0.19 9.69 -15.19
CA GLN D 201 -1.51 9.98 -15.73
C GLN D 201 -1.41 10.47 -17.17
N MET D 202 -0.33 11.20 -17.47
CA MET D 202 -0.09 11.76 -18.79
C MET D 202 0.39 10.71 -19.80
N VAL D 203 1.25 9.80 -19.35
CA VAL D 203 1.78 8.76 -20.24
C VAL D 203 0.84 7.55 -20.36
N ASP D 204 0.28 7.14 -19.22
CA ASP D 204 -0.64 6.01 -19.14
C ASP D 204 -0.44 5.01 -20.27
N GLY D 205 0.60 4.20 -20.17
CA GLY D 205 0.84 3.21 -21.21
C GLY D 205 1.96 3.56 -22.16
N ASP D 206 1.75 4.56 -23.03
CA ASP D 206 2.81 4.91 -23.96
C ASP D 206 3.08 6.40 -24.13
N ILE D 207 4.38 6.69 -24.15
CA ILE D 207 4.93 8.02 -24.26
C ILE D 207 4.44 8.85 -25.46
N ASN D 208 3.98 8.18 -26.52
CA ASN D 208 3.52 8.91 -27.71
C ASN D 208 2.34 9.83 -27.45
N ARG D 209 1.66 9.65 -26.34
CA ARG D 209 0.54 10.49 -25.98
C ARG D 209 1.05 11.91 -25.65
N LEU D 210 2.36 12.03 -25.46
CA LEU D 210 2.96 13.32 -25.12
C LEU D 210 3.21 14.22 -26.33
N ARG D 211 2.98 13.69 -27.53
CA ARG D 211 3.23 14.46 -28.76
C ARG D 211 2.36 15.71 -28.93
N SER D 212 1.28 15.81 -28.17
CA SER D 212 0.41 16.98 -28.27
C SER D 212 0.92 18.14 -27.39
N ILE D 213 2.04 17.92 -26.69
CA ILE D 213 2.60 18.99 -25.86
C ILE D 213 3.55 19.80 -26.74
N ALA D 214 3.22 21.07 -26.95
CA ALA D 214 4.01 21.96 -27.79
C ALA D 214 5.51 21.87 -27.53
N GLY D 215 6.26 21.54 -28.59
CA GLY D 215 7.71 21.46 -28.52
C GLY D 215 8.42 20.29 -27.86
N ILE D 216 7.71 19.42 -27.15
CA ILE D 216 8.39 18.34 -26.46
C ILE D 216 9.25 17.41 -27.32
N THR D 217 8.77 17.05 -28.52
CA THR D 217 9.53 16.13 -29.36
C THR D 217 10.79 16.72 -29.96
N HIS D 218 10.96 18.03 -29.84
CA HIS D 218 12.16 18.67 -30.34
C HIS D 218 13.16 18.98 -29.24
N THR D 219 12.90 18.48 -28.02
CA THR D 219 13.82 18.72 -26.91
C THR D 219 14.87 17.62 -26.79
N ALA D 220 16.00 17.96 -26.19
CA ALA D 220 17.08 17.01 -25.99
C ALA D 220 16.59 15.83 -25.16
N ALA D 221 15.72 16.11 -24.19
CA ALA D 221 15.18 15.08 -23.32
C ALA D 221 14.44 14.01 -24.12
N TRP D 222 13.66 14.45 -25.09
CA TRP D 222 12.89 13.54 -25.92
C TRP D 222 13.83 12.72 -26.82
N LYS D 223 14.70 13.41 -27.54
CA LYS D 223 15.64 12.77 -28.45
C LYS D 223 16.57 11.76 -27.78
N ASN D 224 16.94 12.02 -26.53
CA ASN D 224 17.84 11.12 -25.80
C ASN D 224 17.04 10.17 -24.93
N GLN D 225 15.71 10.26 -25.00
CA GLN D 225 14.85 9.39 -24.22
C GLN D 225 15.03 9.54 -22.72
N ARG D 226 15.15 10.78 -22.26
CA ARG D 226 15.30 11.06 -20.84
C ARG D 226 13.99 11.65 -20.33
N ILE D 227 12.94 10.85 -20.41
CA ILE D 227 11.62 11.28 -19.94
C ILE D 227 11.19 10.39 -18.78
N ILE D 228 11.11 11.00 -17.60
CA ILE D 228 10.74 10.34 -16.36
C ILE D 228 9.27 10.56 -16.04
N THR D 229 8.65 9.55 -15.44
CA THR D 229 7.25 9.62 -15.07
C THR D 229 7.09 9.53 -13.57
N VAL D 230 6.14 10.30 -13.04
CA VAL D 230 5.87 10.33 -11.60
C VAL D 230 4.37 10.42 -11.37
N ASP D 231 3.90 9.76 -10.31
CA ASP D 231 2.48 9.76 -9.96
C ASP D 231 2.08 11.20 -9.56
N GLN D 232 1.09 11.73 -10.25
CA GLN D 232 0.61 13.08 -10.00
C GLN D 232 0.29 13.34 -8.52
N ASN D 233 -0.23 12.32 -7.85
CA ASN D 233 -0.59 12.43 -6.44
C ASN D 233 0.59 12.65 -5.51
N LEU D 234 1.80 12.41 -6.01
CA LEU D 234 3.00 12.58 -5.21
C LEU D 234 3.77 13.87 -5.49
N ILE D 235 3.29 14.68 -6.43
CA ILE D 235 3.99 15.91 -6.79
C ILE D 235 3.21 17.20 -6.65
N LEU D 236 1.97 17.14 -6.20
CA LEU D 236 1.18 18.36 -6.07
C LEU D 236 1.03 18.83 -4.62
N GLY D 237 1.69 18.11 -3.71
CA GLY D 237 1.64 18.47 -2.31
C GLY D 237 2.83 17.90 -1.57
N MET D 238 3.17 18.51 -0.43
CA MET D 238 4.30 18.03 0.36
C MET D 238 3.76 17.19 1.51
N GLY D 239 3.81 15.87 1.34
CA GLY D 239 3.29 14.98 2.36
C GLY D 239 4.31 14.01 2.92
N PRO D 240 3.89 13.11 3.82
CA PRO D 240 4.79 12.13 4.44
C PRO D 240 5.49 11.18 3.48
N ARG D 241 5.11 11.22 2.20
CA ARG D 241 5.74 10.35 1.21
C ARG D 241 6.76 11.11 0.39
N ILE D 242 7.03 12.35 0.79
CA ILE D 242 7.98 13.21 0.09
C ILE D 242 9.35 12.59 -0.10
N ALA D 243 9.86 11.90 0.91
CA ALA D 243 11.17 11.27 0.78
C ALA D 243 11.15 10.16 -0.27
N ASP D 244 10.06 9.41 -0.33
CA ASP D 244 9.95 8.33 -1.30
C ASP D 244 10.01 8.85 -2.73
N VAL D 245 9.22 9.89 -3.01
CA VAL D 245 9.19 10.49 -4.33
C VAL D 245 10.56 11.04 -4.68
N VAL D 246 11.18 11.73 -3.73
CA VAL D 246 12.49 12.30 -3.94
C VAL D 246 13.54 11.25 -4.26
N GLU D 247 13.57 10.18 -3.46
CA GLU D 247 14.56 9.11 -3.68
C GLU D 247 14.28 8.40 -5.01
N SER D 248 13.01 8.21 -5.34
CA SER D 248 12.64 7.56 -6.59
C SER D 248 13.09 8.40 -7.78
N LEU D 249 12.77 9.69 -7.73
CA LEU D 249 13.15 10.59 -8.82
C LEU D 249 14.67 10.66 -8.92
N HIS D 250 15.33 10.74 -7.76
CA HIS D 250 16.79 10.80 -7.72
C HIS D 250 17.41 9.57 -8.40
N GLN D 251 16.78 8.42 -8.18
CA GLN D 251 17.21 7.15 -8.75
C GLN D 251 17.04 7.15 -10.27
N GLN D 252 16.07 7.92 -10.77
CA GLN D 252 15.82 7.98 -12.21
C GLN D 252 16.71 9.03 -12.89
N LEU D 253 17.20 9.99 -12.10
CA LEU D 253 18.05 11.04 -12.62
C LEU D 253 19.49 10.50 -12.82
N TRP D 254 19.93 9.65 -11.89
CA TRP D 254 21.28 9.05 -11.97
C TRP D 254 21.12 7.54 -11.81
N PRO D 255 20.72 6.84 -12.88
CA PRO D 255 20.52 5.39 -12.91
C PRO D 255 21.75 4.53 -12.59
N GLN D 256 21.47 3.36 -12.00
CA GLN D 256 22.48 2.37 -11.60
C GLN D 256 23.14 2.67 -10.27
#